data_3WFV
# 
_entry.id   3WFV 
# 
_audit_conform.dict_name       mmcif_pdbx.dic 
_audit_conform.dict_version    5.388 
_audit_conform.dict_location   http://mmcif.pdb.org/dictionaries/ascii/mmcif_pdbx.dic 
# 
loop_
_database_2.database_id 
_database_2.database_code 
_database_2.pdbx_database_accession 
_database_2.pdbx_DOI 
PDB   3WFV         pdb_00003wfv 10.2210/pdb3wfv/pdb 
RCSB  RCSB096283   ?            ?                   
WWPDB D_1000096283 ?            ?                   
# 
loop_
_pdbx_audit_revision_history.ordinal 
_pdbx_audit_revision_history.data_content_type 
_pdbx_audit_revision_history.major_revision 
_pdbx_audit_revision_history.minor_revision 
_pdbx_audit_revision_history.revision_date 
1 'Structure model' 1 0 2013-10-16 
2 'Structure model' 1 1 2017-08-16 
3 'Structure model' 1 2 2024-03-20 
# 
_pdbx_audit_revision_details.ordinal             1 
_pdbx_audit_revision_details.revision_ordinal    1 
_pdbx_audit_revision_details.data_content_type   'Structure model' 
_pdbx_audit_revision_details.provider            repository 
_pdbx_audit_revision_details.type                'Initial release' 
_pdbx_audit_revision_details.description         ? 
_pdbx_audit_revision_details.details             ? 
# 
loop_
_pdbx_audit_revision_group.ordinal 
_pdbx_audit_revision_group.revision_ordinal 
_pdbx_audit_revision_group.data_content_type 
_pdbx_audit_revision_group.group 
1 2 'Structure model' 'Refinement description' 
2 2 'Structure model' 'Source and taxonomy'    
3 3 'Structure model' 'Data collection'        
4 3 'Structure model' 'Database references'    
# 
loop_
_pdbx_audit_revision_category.ordinal 
_pdbx_audit_revision_category.revision_ordinal 
_pdbx_audit_revision_category.data_content_type 
_pdbx_audit_revision_category.category 
1 2 'Structure model' entity_src_gen     
2 2 'Structure model' software           
3 3 'Structure model' chem_comp_atom     
4 3 'Structure model' chem_comp_bond     
5 3 'Structure model' database_2         
6 3 'Structure model' struct_ref_seq_dif 
# 
loop_
_pdbx_audit_revision_item.ordinal 
_pdbx_audit_revision_item.revision_ordinal 
_pdbx_audit_revision_item.data_content_type 
_pdbx_audit_revision_item.item 
1 3 'Structure model' '_database_2.pdbx_DOI'                
2 3 'Structure model' '_database_2.pdbx_database_accession' 
3 3 'Structure model' '_struct_ref_seq_dif.details'         
# 
_pdbx_database_status.status_code                     REL 
_pdbx_database_status.entry_id                        3WFV 
_pdbx_database_status.recvd_initial_deposition_date   2013-07-24 
_pdbx_database_status.deposit_site                    PDBJ 
_pdbx_database_status.process_site                    PDBJ 
_pdbx_database_status.methods_development_category    ? 
_pdbx_database_status.status_code_sf                  REL 
_pdbx_database_status.status_code_mr                  ? 
_pdbx_database_status.SG_entry                        ? 
_pdbx_database_status.status_code_cs                  ? 
_pdbx_database_status.pdb_format_compatible           Y 
_pdbx_database_status.status_code_nmr_data            ? 
# 
loop_
_audit_author.name 
_audit_author.pdbx_ordinal 
'Du, J.'   1 
'Xue, H.'  2 
'Ma, J.'   3 
'Liu, F.'  4 
'Zhou, J.' 5 
'Shao, Y.' 6 
'Qiao, W.' 7 
'Liu, X.'  8 
# 
_citation.id                        primary 
_citation.title                     
;The crystal structure of HIV CRF07 B'/C gp41 reveals a hyper-mutant site in the middle of HR2 heptad repeat
;
_citation.journal_abbrev            Virology 
_citation.journal_volume            446 
_citation.page_first                86 
_citation.page_last                 94 
_citation.year                      2013 
_citation.journal_id_ASTM           VIRLAX 
_citation.country                   US 
_citation.journal_id_ISSN           0042-6822 
_citation.journal_id_CSD            0922 
_citation.book_publisher            ? 
_citation.pdbx_database_id_PubMed   24074570 
_citation.pdbx_database_id_DOI      10.1016/j.virol.2013.07.024 
# 
loop_
_citation_author.citation_id 
_citation_author.name 
_citation_author.ordinal 
_citation_author.identifier_ORCID 
primary 'Du, J.'   1 ? 
primary 'Xue, H.'  2 ? 
primary 'Ma, J.'   3 ? 
primary 'Liu, F.'  4 ? 
primary 'Zhou, J.' 5 ? 
primary 'Shao, Y.' 6 ? 
primary 'Qiao, W.' 7 ? 
primary 'Liu, X.'  8 ? 
# 
loop_
_entity.id 
_entity.type 
_entity.src_method 
_entity.pdbx_description 
_entity.formula_weight 
_entity.pdbx_number_of_molecules 
_entity.pdbx_ec 
_entity.pdbx_mutation 
_entity.pdbx_fragment 
_entity.details 
1 polymer man 'Envelope glycoprotein gp160' 9745.812 1  ? ? 'UNP residues 542-577 and 624-660' ? 
2 water   nat water                         18.015   30 ? ? ?                                  ? 
# 
_entity_poly.entity_id                      1 
_entity_poly.type                           'polypeptide(L)' 
_entity_poly.nstd_linkage                   no 
_entity_poly.nstd_monomer                   no 
_entity_poly.pdbx_seq_one_letter_code       
;AGAGQSNDSGIVQQQSNLLRAIEAQQHLLQLTVWGIKQLQTRVLGGGGRWMQWDKEISNYTNTVYRLLEESQNQQERNEK
DLLALA
;
_entity_poly.pdbx_seq_one_letter_code_can   
;AGAGQSNDSGIVQQQSNLLRAIEAQQHLLQLTVWGIKQLQTRVLGGGGRWMQWDKEISNYTNTVYRLLEESQNQQERNEK
DLLALA
;
_entity_poly.pdbx_strand_id                 A 
_entity_poly.pdbx_target_identifier         ? 
# 
_pdbx_entity_nonpoly.entity_id   2 
_pdbx_entity_nonpoly.name        water 
_pdbx_entity_nonpoly.comp_id     HOH 
# 
loop_
_entity_poly_seq.entity_id 
_entity_poly_seq.num 
_entity_poly_seq.mon_id 
_entity_poly_seq.hetero 
1 1  ALA n 
1 2  GLY n 
1 3  ALA n 
1 4  GLY n 
1 5  GLN n 
1 6  SER n 
1 7  ASN n 
1 8  ASP n 
1 9  SER n 
1 10 GLY n 
1 11 ILE n 
1 12 VAL n 
1 13 GLN n 
1 14 GLN n 
1 15 GLN n 
1 16 SER n 
1 17 ASN n 
1 18 LEU n 
1 19 LEU n 
1 20 ARG n 
1 21 ALA n 
1 22 ILE n 
1 23 GLU n 
1 24 ALA n 
1 25 GLN n 
1 26 GLN n 
1 27 HIS n 
1 28 LEU n 
1 29 LEU n 
1 30 GLN n 
1 31 LEU n 
1 32 THR n 
1 33 VAL n 
1 34 TRP n 
1 35 GLY n 
1 36 ILE n 
1 37 LYS n 
1 38 GLN n 
1 39 LEU n 
1 40 GLN n 
1 41 THR n 
1 42 ARG n 
1 43 VAL n 
1 44 LEU n 
1 45 GLY n 
1 46 GLY n 
1 47 GLY n 
1 48 GLY n 
1 49 ARG n 
1 50 TRP n 
1 51 MET n 
1 52 GLN n 
1 53 TRP n 
1 54 ASP n 
1 55 LYS n 
1 56 GLU n 
1 57 ILE n 
1 58 SER n 
1 59 ASN n 
1 60 TYR n 
1 61 THR n 
1 62 ASN n 
1 63 THR n 
1 64 VAL n 
1 65 TYR n 
1 66 ARG n 
1 67 LEU n 
1 68 LEU n 
1 69 GLU n 
1 70 GLU n 
1 71 SER n 
1 72 GLN n 
1 73 ASN n 
1 74 GLN n 
1 75 GLN n 
1 76 GLU n 
1 77 ARG n 
1 78 ASN n 
1 79 GLU n 
1 80 LYS n 
1 81 ASP n 
1 82 LEU n 
1 83 LEU n 
1 84 ALA n 
1 85 LEU n 
1 86 ALA n 
# 
loop_
_entity_src_gen.entity_id 
_entity_src_gen.pdbx_src_id 
_entity_src_gen.pdbx_alt_source_flag 
_entity_src_gen.pdbx_seq_type 
_entity_src_gen.pdbx_beg_seq_num 
_entity_src_gen.pdbx_end_seq_num 
_entity_src_gen.gene_src_common_name 
_entity_src_gen.gene_src_genus 
_entity_src_gen.pdbx_gene_src_gene 
_entity_src_gen.gene_src_species 
_entity_src_gen.gene_src_strain 
_entity_src_gen.gene_src_tissue 
_entity_src_gen.gene_src_tissue_fraction 
_entity_src_gen.gene_src_details 
_entity_src_gen.pdbx_gene_src_fragment 
_entity_src_gen.pdbx_gene_src_scientific_name 
_entity_src_gen.pdbx_gene_src_ncbi_taxonomy_id 
_entity_src_gen.pdbx_gene_src_variant 
_entity_src_gen.pdbx_gene_src_cell_line 
_entity_src_gen.pdbx_gene_src_atcc 
_entity_src_gen.pdbx_gene_src_organ 
_entity_src_gen.pdbx_gene_src_organelle 
_entity_src_gen.pdbx_gene_src_cell 
_entity_src_gen.pdbx_gene_src_cellular_location 
_entity_src_gen.host_org_common_name 
_entity_src_gen.pdbx_host_org_scientific_name 
_entity_src_gen.pdbx_host_org_ncbi_taxonomy_id 
_entity_src_gen.host_org_genus 
_entity_src_gen.pdbx_host_org_gene 
_entity_src_gen.pdbx_host_org_organ 
_entity_src_gen.host_org_species 
_entity_src_gen.pdbx_host_org_tissue 
_entity_src_gen.pdbx_host_org_tissue_fraction 
_entity_src_gen.pdbx_host_org_strain 
_entity_src_gen.pdbx_host_org_variant 
_entity_src_gen.pdbx_host_org_cell_line 
_entity_src_gen.pdbx_host_org_atcc 
_entity_src_gen.pdbx_host_org_culture_collection 
_entity_src_gen.pdbx_host_org_cell 
_entity_src_gen.pdbx_host_org_organelle 
_entity_src_gen.pdbx_host_org_cellular_location 
_entity_src_gen.pdbx_host_org_vector_type 
_entity_src_gen.pdbx_host_org_vector 
_entity_src_gen.host_org_details 
_entity_src_gen.expression_system_id 
_entity_src_gen.plasmid_name 
_entity_src_gen.plasmid_details 
_entity_src_gen.pdbx_description 
1 1 sample ? 9  44 ? ? env ? ? ? ? ? ? 'Human immunodeficiency virus 1' 11676 ? ? ? ? ? ? ? ? 'Escherichia coli' 562 ? ? ? ? ? ? ? 
? ? ? ? ? ? ? PLASMID ? ? ? pET30 ? ? 
1 2 sample ? 50 86 ? ? env ? ? ? ? ? ? 'Human immunodeficiency virus 1' 11676 ? ? ? ? ? ? ? ? 'Escherichia coli' 562 ? ? ? ? ? ? ? 
? ? ? ? ? ? ? PLASMID ? ? ? pET30 ? ? 
# 
loop_
_chem_comp.id 
_chem_comp.type 
_chem_comp.mon_nstd_flag 
_chem_comp.name 
_chem_comp.pdbx_synonyms 
_chem_comp.formula 
_chem_comp.formula_weight 
ALA 'L-peptide linking' y ALANINE         ? 'C3 H7 N O2'     89.093  
ARG 'L-peptide linking' y ARGININE        ? 'C6 H15 N4 O2 1' 175.209 
ASN 'L-peptide linking' y ASPARAGINE      ? 'C4 H8 N2 O3'    132.118 
ASP 'L-peptide linking' y 'ASPARTIC ACID' ? 'C4 H7 N O4'     133.103 
GLN 'L-peptide linking' y GLUTAMINE       ? 'C5 H10 N2 O3'   146.144 
GLU 'L-peptide linking' y 'GLUTAMIC ACID' ? 'C5 H9 N O4'     147.129 
GLY 'peptide linking'   y GLYCINE         ? 'C2 H5 N O2'     75.067  
HIS 'L-peptide linking' y HISTIDINE       ? 'C6 H10 N3 O2 1' 156.162 
HOH non-polymer         . WATER           ? 'H2 O'           18.015  
ILE 'L-peptide linking' y ISOLEUCINE      ? 'C6 H13 N O2'    131.173 
LEU 'L-peptide linking' y LEUCINE         ? 'C6 H13 N O2'    131.173 
LYS 'L-peptide linking' y LYSINE          ? 'C6 H15 N2 O2 1' 147.195 
MET 'L-peptide linking' y METHIONINE      ? 'C5 H11 N O2 S'  149.211 
SER 'L-peptide linking' y SERINE          ? 'C3 H7 N O3'     105.093 
THR 'L-peptide linking' y THREONINE       ? 'C4 H9 N O3'     119.119 
TRP 'L-peptide linking' y TRYPTOPHAN      ? 'C11 H12 N2 O2'  204.225 
TYR 'L-peptide linking' y TYROSINE        ? 'C9 H11 N O3'    181.189 
VAL 'L-peptide linking' y VALINE          ? 'C5 H11 N O2'    117.146 
# 
loop_
_pdbx_poly_seq_scheme.asym_id 
_pdbx_poly_seq_scheme.entity_id 
_pdbx_poly_seq_scheme.seq_id 
_pdbx_poly_seq_scheme.mon_id 
_pdbx_poly_seq_scheme.ndb_seq_num 
_pdbx_poly_seq_scheme.pdb_seq_num 
_pdbx_poly_seq_scheme.auth_seq_num 
_pdbx_poly_seq_scheme.pdb_mon_id 
_pdbx_poly_seq_scheme.auth_mon_id 
_pdbx_poly_seq_scheme.pdb_strand_id 
_pdbx_poly_seq_scheme.pdb_ins_code 
_pdbx_poly_seq_scheme.hetero 
A 1 1  ALA 1  538 538 ALA ALA A . n 
A 1 2  GLY 2  539 539 GLY GLY A . n 
A 1 3  ALA 3  540 540 ALA ALA A . n 
A 1 4  GLY 4  541 541 GLY GLY A . n 
A 1 5  GLN 5  542 542 GLN GLN A . n 
A 1 6  SER 6  543 543 SER SER A . n 
A 1 7  ASN 7  544 544 ASN ASN A . n 
A 1 8  ASP 8  545 545 ASP ASP A . n 
A 1 9  SER 9  546 546 SER SER A . n 
A 1 10 GLY 10 547 547 GLY GLY A . n 
A 1 11 ILE 11 548 548 ILE ILE A . n 
A 1 12 VAL 12 549 549 VAL VAL A . n 
A 1 13 GLN 13 550 550 GLN GLN A . n 
A 1 14 GLN 14 551 551 GLN GLN A . n 
A 1 15 GLN 15 552 552 GLN GLN A . n 
A 1 16 SER 16 553 553 SER SER A . n 
A 1 17 ASN 17 554 554 ASN ASN A . n 
A 1 18 LEU 18 555 555 LEU LEU A . n 
A 1 19 LEU 19 556 556 LEU LEU A . n 
A 1 20 ARG 20 557 557 ARG ARG A . n 
A 1 21 ALA 21 558 558 ALA ALA A . n 
A 1 22 ILE 22 559 559 ILE ILE A . n 
A 1 23 GLU 23 560 560 GLU GLU A . n 
A 1 24 ALA 24 561 561 ALA ALA A . n 
A 1 25 GLN 25 562 562 GLN GLN A . n 
A 1 26 GLN 26 563 563 GLN GLN A . n 
A 1 27 HIS 27 564 564 HIS HIS A . n 
A 1 28 LEU 28 565 565 LEU LEU A . n 
A 1 29 LEU 29 566 566 LEU LEU A . n 
A 1 30 GLN 30 567 567 GLN GLN A . n 
A 1 31 LEU 31 568 568 LEU LEU A . n 
A 1 32 THR 32 569 569 THR THR A . n 
A 1 33 VAL 33 570 570 VAL VAL A . n 
A 1 34 TRP 34 571 571 TRP TRP A . n 
A 1 35 GLY 35 572 572 GLY GLY A . n 
A 1 36 ILE 36 573 573 ILE ILE A . n 
A 1 37 LYS 37 574 574 LYS LYS A . n 
A 1 38 GLN 38 575 575 GLN GLN A . n 
A 1 39 LEU 39 576 576 LEU LEU A . n 
A 1 40 GLN 40 577 577 GLN GLN A . n 
A 1 41 THR 41 578 578 THR THR A . n 
A 1 42 ARG 42 579 579 ARG ARG A . n 
A 1 43 VAL 43 580 580 VAL VAL A . n 
A 1 44 LEU 44 581 581 LEU LEU A . n 
A 1 45 GLY 45 582 582 GLY GLY A . n 
A 1 46 GLY 46 583 583 GLY GLY A . n 
A 1 47 GLY 47 584 584 GLY GLY A . n 
A 1 48 GLY 48 585 585 GLY GLY A . n 
A 1 49 ARG 49 586 586 ARG ARG A . n 
A 1 50 TRP 50 587 587 TRP TRP A . n 
A 1 51 MET 51 588 588 MET MET A . n 
A 1 52 GLN 52 589 589 GLN GLN A . n 
A 1 53 TRP 53 590 590 TRP TRP A . n 
A 1 54 ASP 54 591 591 ASP ASP A . n 
A 1 55 LYS 55 592 592 LYS LYS A . n 
A 1 56 GLU 56 593 593 GLU GLU A . n 
A 1 57 ILE 57 594 594 ILE ILE A . n 
A 1 58 SER 58 595 595 SER SER A . n 
A 1 59 ASN 59 596 596 ASN ASN A . n 
A 1 60 TYR 60 597 597 TYR TYR A . n 
A 1 61 THR 61 598 598 THR THR A . n 
A 1 62 ASN 62 599 599 ASN ASN A . n 
A 1 63 THR 63 600 600 THR THR A . n 
A 1 64 VAL 64 601 601 VAL VAL A . n 
A 1 65 TYR 65 602 602 TYR TYR A . n 
A 1 66 ARG 66 603 603 ARG ARG A . n 
A 1 67 LEU 67 604 604 LEU LEU A . n 
A 1 68 LEU 68 605 605 LEU LEU A . n 
A 1 69 GLU 69 606 606 GLU GLU A . n 
A 1 70 GLU 70 607 607 GLU GLU A . n 
A 1 71 SER 71 608 608 SER SER A . n 
A 1 72 GLN 72 609 609 GLN GLN A . n 
A 1 73 ASN 73 610 610 ASN ASN A . n 
A 1 74 GLN 74 611 611 GLN GLN A . n 
A 1 75 GLN 75 612 612 GLN GLN A . n 
A 1 76 GLU 76 613 613 GLU GLU A . n 
A 1 77 ARG 77 614 614 ARG ARG A . n 
A 1 78 ASN 78 615 615 ASN ASN A . n 
A 1 79 GLU 79 616 616 GLU GLU A . n 
A 1 80 LYS 80 617 617 LYS LYS A . n 
A 1 81 ASP 81 618 618 ASP ASP A . n 
A 1 82 LEU 82 619 619 LEU LEU A . n 
A 1 83 LEU 83 620 620 LEU LEU A . n 
A 1 84 ALA 84 621 621 ALA ALA A . n 
A 1 85 LEU 85 622 622 LEU LEU A . n 
A 1 86 ALA 86 623 623 ALA ALA A . n 
# 
loop_
_pdbx_nonpoly_scheme.asym_id 
_pdbx_nonpoly_scheme.entity_id 
_pdbx_nonpoly_scheme.mon_id 
_pdbx_nonpoly_scheme.ndb_seq_num 
_pdbx_nonpoly_scheme.pdb_seq_num 
_pdbx_nonpoly_scheme.auth_seq_num 
_pdbx_nonpoly_scheme.pdb_mon_id 
_pdbx_nonpoly_scheme.auth_mon_id 
_pdbx_nonpoly_scheme.pdb_strand_id 
_pdbx_nonpoly_scheme.pdb_ins_code 
B 2 HOH 1  701 1  HOH HOH A . 
B 2 HOH 2  702 2  HOH HOH A . 
B 2 HOH 3  703 3  HOH HOH A . 
B 2 HOH 4  704 4  HOH HOH A . 
B 2 HOH 5  705 5  HOH HOH A . 
B 2 HOH 6  706 6  HOH HOH A . 
B 2 HOH 7  707 7  HOH HOH A . 
B 2 HOH 8  708 8  HOH HOH A . 
B 2 HOH 9  709 9  HOH HOH A . 
B 2 HOH 10 710 10 HOH HOH A . 
B 2 HOH 11 711 11 HOH HOH A . 
B 2 HOH 12 712 12 HOH HOH A . 
B 2 HOH 13 713 13 HOH HOH A . 
B 2 HOH 14 714 14 HOH HOH A . 
B 2 HOH 15 715 15 HOH HOH A . 
B 2 HOH 16 716 16 HOH HOH A . 
B 2 HOH 17 717 17 HOH HOH A . 
B 2 HOH 18 718 18 HOH HOH A . 
B 2 HOH 19 719 19 HOH HOH A . 
B 2 HOH 20 720 20 HOH HOH A . 
B 2 HOH 21 721 21 HOH HOH A . 
B 2 HOH 22 722 22 HOH HOH A . 
B 2 HOH 23 723 23 HOH HOH A . 
B 2 HOH 24 724 24 HOH HOH A . 
B 2 HOH 25 725 25 HOH HOH A . 
B 2 HOH 26 726 26 HOH HOH A . 
B 2 HOH 27 727 27 HOH HOH A . 
B 2 HOH 28 728 28 HOH HOH A . 
B 2 HOH 29 729 29 HOH HOH A . 
B 2 HOH 30 730 30 HOH HOH A . 
# 
loop_
_software.name 
_software.classification 
_software.version 
_software.citation_id 
_software.pdbx_ordinal 
HKL-2000 'data collection' .                            ? 1 
PHASES   phasing           .                            ? 2 
PHENIX   refinement        '(phenix.refine: 1.7.3_928)' ? 3 
HKL-2000 'data reduction'  .                            ? 4 
HKL-2000 'data scaling'    .                            ? 5 
# 
_cell.entry_id           3WFV 
_cell.length_a           46.920 
_cell.length_b           46.920 
_cell.length_c           185.051 
_cell.angle_alpha        90.00 
_cell.angle_beta         90.00 
_cell.angle_gamma        120.00 
_cell.Z_PDB              18 
_cell.pdbx_unique_axis   ? 
_cell.length_a_esd       ? 
_cell.length_b_esd       ? 
_cell.length_c_esd       ? 
_cell.angle_alpha_esd    ? 
_cell.angle_beta_esd     ? 
_cell.angle_gamma_esd    ? 
# 
_symmetry.entry_id                         3WFV 
_symmetry.space_group_name_H-M             'H 3 2' 
_symmetry.pdbx_full_space_group_name_H-M   ? 
_symmetry.cell_setting                     ? 
_symmetry.Int_Tables_number                155 
_symmetry.space_group_name_Hall            ? 
# 
_exptl.entry_id          3WFV 
_exptl.method            'X-RAY DIFFRACTION' 
_exptl.crystals_number   1 
# 
_exptl_crystal.id                    1 
_exptl_crystal.density_meas          ? 
_exptl_crystal.density_Matthews      2.01 
_exptl_crystal.density_percent_sol   38.84 
_exptl_crystal.description           ? 
_exptl_crystal.F_000                 ? 
_exptl_crystal.preparation           ? 
# 
_exptl_crystal_grow.crystal_id      1 
_exptl_crystal_grow.method          'VAPOR DIFFUSION, SITTING DROP' 
_exptl_crystal_grow.temp            277 
_exptl_crystal_grow.temp_details    ? 
_exptl_crystal_grow.pH              8.5 
_exptl_crystal_grow.pdbx_details    '8% PEG6000, 0.1M Tris, 40% MPD, pH 8.5, VAPOR DIFFUSION, SITTING DROP, temperature 277K' 
_exptl_crystal_grow.pdbx_pH_range   . 
# 
_diffrn.id                     1 
_diffrn.ambient_temp           100 
_diffrn.ambient_temp_details   ? 
_diffrn.crystal_id             1 
# 
_diffrn_detector.diffrn_id              1 
_diffrn_detector.detector               CCD 
_diffrn_detector.type                   ENRAF-NONIUS 
_diffrn_detector.pdbx_collection_date   2012-09-16 
_diffrn_detector.details                ? 
# 
_diffrn_radiation.diffrn_id                        1 
_diffrn_radiation.wavelength_id                    1 
_diffrn_radiation.pdbx_monochromatic_or_laue_m_l   M 
_diffrn_radiation.monochromator                    GRAPHITE 
_diffrn_radiation.pdbx_diffrn_protocol             'SINGLE WAVELENGTH' 
_diffrn_radiation.pdbx_scattering_type             x-ray 
# 
_diffrn_radiation_wavelength.id           1 
_diffrn_radiation_wavelength.wavelength   0.9793 
_diffrn_radiation_wavelength.wt           1.0 
# 
_diffrn_source.diffrn_id                   1 
_diffrn_source.source                      SYNCHROTRON 
_diffrn_source.type                        'SSRF BEAMLINE BL17U' 
_diffrn_source.pdbx_synchrotron_site       SSRF 
_diffrn_source.pdbx_synchrotron_beamline   BL17U 
_diffrn_source.pdbx_wavelength             ? 
_diffrn_source.pdbx_wavelength_list        0.9793 
# 
_reflns.entry_id                     3WFV 
_reflns.observed_criterion_sigma_I   2.0 
_reflns.observed_criterion_sigma_F   2.0 
_reflns.d_resolution_low             20.102 
_reflns.d_resolution_high            1.8 
_reflns.number_obs                   7326 
_reflns.number_all                   ? 
_reflns.percent_possible_obs         95.76 
_reflns.pdbx_Rmerge_I_obs            ? 
_reflns.pdbx_Rsym_value              ? 
_reflns.pdbx_netI_over_sigmaI        ? 
_reflns.B_iso_Wilson_estimate        ? 
_reflns.pdbx_redundancy              ? 
_reflns.R_free_details               ? 
_reflns.limit_h_max                  ? 
_reflns.limit_h_min                  ? 
_reflns.limit_k_max                  ? 
_reflns.limit_k_min                  ? 
_reflns.limit_l_max                  ? 
_reflns.limit_l_min                  ? 
_reflns.observed_criterion_F_max     ? 
_reflns.observed_criterion_F_min     ? 
_reflns.pdbx_chi_squared             ? 
_reflns.pdbx_scaling_rejects         ? 
_reflns.pdbx_ordinal                 1 
_reflns.pdbx_diffrn_id               1 
# 
_reflns_shell.d_res_high                  1.8 
_reflns_shell.d_res_low                   ? 
_reflns_shell.percent_possible_all        95.76 
_reflns_shell.Rmerge_I_obs                0.125 
_reflns_shell.pdbx_Rsym_value             0.053 
_reflns_shell.meanI_over_sigI_obs         17.5 
_reflns_shell.pdbx_redundancy             11.4 
_reflns_shell.percent_possible_obs        ? 
_reflns_shell.number_unique_all           7326 
_reflns_shell.number_measured_all         ? 
_reflns_shell.number_measured_obs         ? 
_reflns_shell.number_unique_obs           ? 
_reflns_shell.pdbx_chi_squared            ? 
_reflns_shell.pdbx_rejects                ? 
_reflns_shell.pdbx_netI_over_sigmaI_obs   ? 
_reflns_shell.number_possible             ? 
_reflns_shell.Rmerge_F_all                ? 
_reflns_shell.Rmerge_F_obs                ? 
_reflns_shell.Rmerge_I_all                ? 
_reflns_shell.meanI_over_sigI_all         ? 
_reflns_shell.pdbx_Rrim_I_all             ? 
_reflns_shell.pdbx_Rpim_I_all             ? 
_reflns_shell.pdbx_ordinal                1 
_reflns_shell.pdbx_diffrn_id              1 
# 
_refine.entry_id                                 3WFV 
_refine.ls_number_reflns_obs                     7326 
_refine.ls_number_reflns_all                     ? 
_refine.pdbx_ls_sigma_I                          ? 
_refine.pdbx_ls_sigma_F                          1.38 
_refine.pdbx_data_cutoff_high_absF               ? 
_refine.pdbx_data_cutoff_low_absF                ? 
_refine.pdbx_data_cutoff_high_rms_absF           ? 
_refine.ls_d_res_low                             20.102 
_refine.ls_d_res_high                            1.800 
_refine.ls_percent_reflns_obs                    95.76 
_refine.ls_R_factor_obs                          0.2219 
_refine.ls_R_factor_all                          ? 
_refine.ls_R_factor_R_work                       0.2201 
_refine.ls_R_factor_R_free                       0.2582 
_refine.ls_R_factor_R_free_error                 ? 
_refine.ls_R_factor_R_free_error_details         ? 
_refine.ls_percent_reflns_R_free                 4.59 
_refine.ls_number_reflns_R_free                  336 
_refine.ls_number_parameters                     ? 
_refine.ls_number_restraints                     ? 
_refine.B_iso_mean                               32.1715 
_refine.aniso_B[1][1]                            -2.8060 
_refine.aniso_B[2][2]                            -2.8060 
_refine.aniso_B[3][3]                            5.6120 
_refine.aniso_B[1][2]                            0.0000 
_refine.aniso_B[1][3]                            0.0000 
_refine.aniso_B[2][3]                            0.0000 
_refine.solvent_model_details                    'FLAT BULK SOLVENT MODEL' 
_refine.solvent_model_param_ksol                 0.478 
_refine.solvent_model_param_bsol                 87.432 
_refine.pdbx_solvent_vdw_probe_radii             1.11 
_refine.pdbx_solvent_ion_probe_radii             ? 
_refine.pdbx_solvent_shrinkage_radii             0.90 
_refine.pdbx_ls_cross_valid_method               ? 
_refine.details                                  ? 
_refine.pdbx_starting_model                      ? 
_refine.pdbx_method_to_determine_struct          'MOLECULAR REPLACEMENT' 
_refine.pdbx_isotropic_thermal_model             ? 
_refine.pdbx_stereochemistry_target_values       ML 
_refine.pdbx_stereochem_target_val_spec_case     ? 
_refine.pdbx_R_Free_selection_details            RANDOM 
_refine.pdbx_overall_ESU_R                       ? 
_refine.pdbx_overall_ESU_R_Free                  ? 
_refine.overall_SU_ML                            0.21 
_refine.overall_FOM_work_R_set                   0.7533 
_refine.B_iso_max                                91.060 
_refine.B_iso_min                                13.760 
_refine.pdbx_overall_phase_error                 29.9200 
_refine.occupancy_max                            1.000 
_refine.occupancy_min                            1.000 
_refine.pdbx_diffrn_id                           1 
_refine.pdbx_refine_id                           'X-RAY DIFFRACTION' 
_refine.ls_redundancy_reflns_obs                 ? 
_refine.overall_SU_B                             ? 
_refine.correlation_coeff_Fo_to_Fc               ? 
_refine.correlation_coeff_Fo_to_Fc_free          ? 
_refine.overall_SU_R_Cruickshank_DPI             ? 
_refine.overall_SU_R_free                        ? 
_refine.ls_wR_factor_R_free                      ? 
_refine.ls_wR_factor_R_work                      ? 
_refine.overall_FOM_free_R_set                   ? 
_refine.pdbx_TLS_residual_ADP_flag               ? 
_refine.pdbx_overall_SU_R_free_Cruickshank_DPI   ? 
_refine.pdbx_overall_SU_R_Blow_DPI               ? 
_refine.pdbx_overall_SU_R_free_Blow_DPI          ? 
# 
_refine_hist.pdbx_refine_id                   'X-RAY DIFFRACTION' 
_refine_hist.cycle_id                         LAST 
_refine_hist.pdbx_number_atoms_protein        685 
_refine_hist.pdbx_number_atoms_nucleic_acid   0 
_refine_hist.pdbx_number_atoms_ligand         0 
_refine_hist.number_atoms_solvent             30 
_refine_hist.number_atoms_total               715 
_refine_hist.d_res_high                       1.800 
_refine_hist.d_res_low                        20.102 
# 
loop_
_refine_ls_restr.pdbx_refine_id 
_refine_ls_restr.type 
_refine_ls_restr.number 
_refine_ls_restr.dev_ideal 
_refine_ls_restr.dev_ideal_target 
_refine_ls_restr.weight 
_refine_ls_restr.pdbx_restraint_function 
'X-RAY DIFFRACTION' f_bond_d           693 0.008  ? ? ? 
'X-RAY DIFFRACTION' f_angle_d          935 1.226  ? ? ? 
'X-RAY DIFFRACTION' f_chiral_restr     102 0.084  ? ? ? 
'X-RAY DIFFRACTION' f_plane_restr      124 0.004  ? ? ? 
'X-RAY DIFFRACTION' f_dihedral_angle_d 259 19.140 ? ? ? 
# 
loop_
_refine_ls_shell.d_res_high 
_refine_ls_shell.d_res_low 
_refine_ls_shell.pdbx_total_number_of_bins_used 
_refine_ls_shell.percent_reflns_obs 
_refine_ls_shell.number_reflns_R_work 
_refine_ls_shell.R_factor_all 
_refine_ls_shell.R_factor_R_work 
_refine_ls_shell.R_factor_R_free 
_refine_ls_shell.percent_reflns_R_free 
_refine_ls_shell.number_reflns_R_free 
_refine_ls_shell.R_factor_R_free_error 
_refine_ls_shell.number_reflns_all 
_refine_ls_shell.number_reflns_obs 
_refine_ls_shell.pdbx_refine_id 
_refine_ls_shell.redundancy_reflns_obs 
1.8000 2.2674  2 96.0000 3417 . 0.2233 0.2960 . 175 . 3592 . 'X-RAY DIFFRACTION' . 
2.2674 20.1036 2 96.0000 3573 . 0.2192 0.2473 . 161 . 3734 . 'X-RAY DIFFRACTION' . 
# 
_struct.entry_id                  3WFV 
_struct.title                     'HIV-1 CRF07 gp41' 
_struct.pdbx_model_details        ? 
_struct.pdbx_CASP_flag            ? 
_struct.pdbx_model_type_details   ? 
# 
_struct_keywords.entry_id        3WFV 
_struct_keywords.pdbx_keywords   'VIRAL PROTEIN' 
_struct_keywords.text            'DOUBLE HELIX, alpha-helix, virus fusion, glycoprotein, membrane, VIRAL PROTEIN' 
# 
loop_
_struct_asym.id 
_struct_asym.pdbx_blank_PDB_chainid_flag 
_struct_asym.pdbx_modified 
_struct_asym.entity_id 
_struct_asym.details 
A N N 1 ? 
B N N 2 ? 
# 
loop_
_struct_ref.id 
_struct_ref.db_name 
_struct_ref.db_code 
_struct_ref.pdbx_db_accession 
_struct_ref.entity_id 
_struct_ref.pdbx_seq_one_letter_code 
_struct_ref.pdbx_align_begin 
_struct_ref.pdbx_db_isoform 
1 UNP Q994K2_9HIV1 Q994K2 1 SGIVQQQSNLLRAIEAQQHLLQLTVWGIKQLQTRVL  542 ? 
2 UNP Q994K2_9HIV1 Q994K2 1 WMQWDKEISNYTNTIYRLLEESQNQQERNEKDLLALD 624 ? 
# 
loop_
_struct_ref_seq.align_id 
_struct_ref_seq.ref_id 
_struct_ref_seq.pdbx_PDB_id_code 
_struct_ref_seq.pdbx_strand_id 
_struct_ref_seq.seq_align_beg 
_struct_ref_seq.pdbx_seq_align_beg_ins_code 
_struct_ref_seq.seq_align_end 
_struct_ref_seq.pdbx_seq_align_end_ins_code 
_struct_ref_seq.pdbx_db_accession 
_struct_ref_seq.db_align_beg 
_struct_ref_seq.pdbx_db_align_beg_ins_code 
_struct_ref_seq.db_align_end 
_struct_ref_seq.pdbx_db_align_end_ins_code 
_struct_ref_seq.pdbx_auth_seq_align_beg 
_struct_ref_seq.pdbx_auth_seq_align_end 
1 1 3WFV A 9  ? 44 ? Q994K2 542 ? 577 ? 546 581 
2 2 3WFV A 50 ? 86 ? Q994K2 624 ? 660 ? 587 623 
# 
loop_
_struct_ref_seq_dif.align_id 
_struct_ref_seq_dif.pdbx_pdb_id_code 
_struct_ref_seq_dif.mon_id 
_struct_ref_seq_dif.pdbx_pdb_strand_id 
_struct_ref_seq_dif.seq_num 
_struct_ref_seq_dif.pdbx_pdb_ins_code 
_struct_ref_seq_dif.pdbx_seq_db_name 
_struct_ref_seq_dif.pdbx_seq_db_accession_code 
_struct_ref_seq_dif.db_mon_id 
_struct_ref_seq_dif.pdbx_seq_db_seq_num 
_struct_ref_seq_dif.details 
_struct_ref_seq_dif.pdbx_auth_seq_num 
_struct_ref_seq_dif.pdbx_ordinal 
1 3WFV ALA A 1  ? UNP Q994K2 ?   ?   'expression tag' 538 1  
1 3WFV GLY A 2  ? UNP Q994K2 ?   ?   'expression tag' 539 2  
1 3WFV ALA A 3  ? UNP Q994K2 ?   ?   'expression tag' 540 3  
1 3WFV GLY A 4  ? UNP Q994K2 ?   ?   'expression tag' 541 4  
1 3WFV GLN A 5  ? UNP Q994K2 ?   ?   'expression tag' 542 5  
1 3WFV SER A 6  ? UNP Q994K2 ?   ?   'expression tag' 543 6  
1 3WFV ASN A 7  ? UNP Q994K2 ?   ?   'expression tag' 544 7  
1 3WFV ASP A 8  ? UNP Q994K2 ?   ?   'expression tag' 545 8  
1 3WFV GLY A 45 ? UNP Q994K2 ?   ?   linker           582 9  
1 3WFV GLY A 46 ? UNP Q994K2 ?   ?   linker           583 10 
1 3WFV GLY A 47 ? UNP Q994K2 ?   ?   linker           584 11 
1 3WFV GLY A 48 ? UNP Q994K2 ?   ?   linker           585 12 
1 3WFV ARG A 49 ? UNP Q994K2 ?   ?   linker           586 13 
2 3WFV VAL A 64 ? UNP Q994K2 ILE 638 conflict         601 14 
2 3WFV ALA A 86 ? UNP Q994K2 ASP 660 conflict         623 15 
# 
_pdbx_struct_assembly.id                   1 
_pdbx_struct_assembly.details              author_and_software_defined_assembly 
_pdbx_struct_assembly.method_details       PISA 
_pdbx_struct_assembly.oligomeric_details   trimeric 
_pdbx_struct_assembly.oligomeric_count     3 
# 
loop_
_pdbx_struct_assembly_prop.biol_id 
_pdbx_struct_assembly_prop.type 
_pdbx_struct_assembly_prop.value 
_pdbx_struct_assembly_prop.details 
1 'ABSA (A^2)' 8110  ? 
1 MORE         -67   ? 
1 'SSA (A^2)'  12740 ? 
# 
_pdbx_struct_assembly_gen.assembly_id       1 
_pdbx_struct_assembly_gen.oper_expression   1,2,3 
_pdbx_struct_assembly_gen.asym_id_list      A,B 
# 
loop_
_pdbx_struct_oper_list.id 
_pdbx_struct_oper_list.type 
_pdbx_struct_oper_list.name 
_pdbx_struct_oper_list.symmetry_operation 
_pdbx_struct_oper_list.matrix[1][1] 
_pdbx_struct_oper_list.matrix[1][2] 
_pdbx_struct_oper_list.matrix[1][3] 
_pdbx_struct_oper_list.vector[1] 
_pdbx_struct_oper_list.matrix[2][1] 
_pdbx_struct_oper_list.matrix[2][2] 
_pdbx_struct_oper_list.matrix[2][3] 
_pdbx_struct_oper_list.vector[2] 
_pdbx_struct_oper_list.matrix[3][1] 
_pdbx_struct_oper_list.matrix[3][2] 
_pdbx_struct_oper_list.matrix[3][3] 
_pdbx_struct_oper_list.vector[3] 
1 'identity operation'         1_555 x,y,z        1.0000000000  0.0000000000  0.0000000000  0.0000000000  0.0000000000  1.0000000000 0.0000000000  0.0000000000 0.0000000000  0.0000000000  1.0000000000 0.0000000000 
2 'crystal symmetry operation' 2_665 -y+1,x-y+1,z -0.4981876686 0.5475591696  0.6723005301  5.4111995065  -0.4629444952 0.4876288403 -0.7402030184 6.0398057045 -0.7331380779 -0.6799978455 0.0105588283 8.7227376114 
3 'crystal symmetry operation' 3_565 -x+y,-x+1,z  -0.4981876686 -0.4629444952 -0.7331380779 11.8868587564 0.5475591696  0.4876288403 -0.6799978455 0.0233074232 0.6723005301  -0.7402030184 0.0105588283 0.7406282282 
# 
_struct_biol.id        1 
_struct_biol.details   ? 
# 
loop_
_struct_conf.conf_type_id 
_struct_conf.id 
_struct_conf.pdbx_PDB_helix_id 
_struct_conf.beg_label_comp_id 
_struct_conf.beg_label_asym_id 
_struct_conf.beg_label_seq_id 
_struct_conf.pdbx_beg_PDB_ins_code 
_struct_conf.end_label_comp_id 
_struct_conf.end_label_asym_id 
_struct_conf.end_label_seq_id 
_struct_conf.pdbx_end_PDB_ins_code 
_struct_conf.beg_auth_comp_id 
_struct_conf.beg_auth_asym_id 
_struct_conf.beg_auth_seq_id 
_struct_conf.end_auth_comp_id 
_struct_conf.end_auth_asym_id 
_struct_conf.end_auth_seq_id 
_struct_conf.pdbx_PDB_helix_class 
_struct_conf.details 
_struct_conf.pdbx_PDB_helix_length 
HELX_P HELX_P1 1 ALA A 1  ? LEU A 44 ? ALA A 538 LEU A 581 1 ? 44 
HELX_P HELX_P2 2 GLY A 48 ? ALA A 84 ? GLY A 585 ALA A 621 1 ? 37 
# 
_struct_conf_type.id          HELX_P 
_struct_conf_type.criteria    ? 
_struct_conf_type.reference   ? 
# 
_struct_mon_prot_cis.pdbx_id                1 
_struct_mon_prot_cis.label_comp_id          GLY 
_struct_mon_prot_cis.label_seq_id           45 
_struct_mon_prot_cis.label_asym_id          A 
_struct_mon_prot_cis.label_alt_id           . 
_struct_mon_prot_cis.pdbx_PDB_ins_code      ? 
_struct_mon_prot_cis.auth_comp_id           GLY 
_struct_mon_prot_cis.auth_seq_id            582 
_struct_mon_prot_cis.auth_asym_id           A 
_struct_mon_prot_cis.pdbx_label_comp_id_2   GLY 
_struct_mon_prot_cis.pdbx_label_seq_id_2    46 
_struct_mon_prot_cis.pdbx_label_asym_id_2   A 
_struct_mon_prot_cis.pdbx_PDB_ins_code_2    ? 
_struct_mon_prot_cis.pdbx_auth_comp_id_2    GLY 
_struct_mon_prot_cis.pdbx_auth_seq_id_2     583 
_struct_mon_prot_cis.pdbx_auth_asym_id_2    A 
_struct_mon_prot_cis.pdbx_PDB_model_num     1 
_struct_mon_prot_cis.pdbx_omega_angle       -17.27 
# 
_pdbx_validate_close_contact.id               1 
_pdbx_validate_close_contact.PDB_model_num    1 
_pdbx_validate_close_contact.auth_atom_id_1   OE2 
_pdbx_validate_close_contact.auth_asym_id_1   A 
_pdbx_validate_close_contact.auth_comp_id_1   GLU 
_pdbx_validate_close_contact.auth_seq_id_1    560 
_pdbx_validate_close_contact.PDB_ins_code_1   ? 
_pdbx_validate_close_contact.label_alt_id_1   ? 
_pdbx_validate_close_contact.auth_atom_id_2   O 
_pdbx_validate_close_contact.auth_asym_id_2   A 
_pdbx_validate_close_contact.auth_comp_id_2   HOH 
_pdbx_validate_close_contact.auth_seq_id_2    711 
_pdbx_validate_close_contact.PDB_ins_code_2   ? 
_pdbx_validate_close_contact.label_alt_id_2   ? 
_pdbx_validate_close_contact.dist             2.02 
# 
loop_
_pdbx_struct_special_symmetry.id 
_pdbx_struct_special_symmetry.PDB_model_num 
_pdbx_struct_special_symmetry.auth_asym_id 
_pdbx_struct_special_symmetry.auth_comp_id 
_pdbx_struct_special_symmetry.auth_seq_id 
_pdbx_struct_special_symmetry.PDB_ins_code 
_pdbx_struct_special_symmetry.label_asym_id 
_pdbx_struct_special_symmetry.label_comp_id 
_pdbx_struct_special_symmetry.label_seq_id 
1 1 A HOH 701 ? B HOH . 
2 1 A HOH 702 ? B HOH . 
3 1 A HOH 730 ? B HOH . 
# 
loop_
_chem_comp_atom.comp_id 
_chem_comp_atom.atom_id 
_chem_comp_atom.type_symbol 
_chem_comp_atom.pdbx_aromatic_flag 
_chem_comp_atom.pdbx_stereo_config 
_chem_comp_atom.pdbx_ordinal 
ALA N    N N N 1   
ALA CA   C N S 2   
ALA C    C N N 3   
ALA O    O N N 4   
ALA CB   C N N 5   
ALA OXT  O N N 6   
ALA H    H N N 7   
ALA H2   H N N 8   
ALA HA   H N N 9   
ALA HB1  H N N 10  
ALA HB2  H N N 11  
ALA HB3  H N N 12  
ALA HXT  H N N 13  
ARG N    N N N 14  
ARG CA   C N S 15  
ARG C    C N N 16  
ARG O    O N N 17  
ARG CB   C N N 18  
ARG CG   C N N 19  
ARG CD   C N N 20  
ARG NE   N N N 21  
ARG CZ   C N N 22  
ARG NH1  N N N 23  
ARG NH2  N N N 24  
ARG OXT  O N N 25  
ARG H    H N N 26  
ARG H2   H N N 27  
ARG HA   H N N 28  
ARG HB2  H N N 29  
ARG HB3  H N N 30  
ARG HG2  H N N 31  
ARG HG3  H N N 32  
ARG HD2  H N N 33  
ARG HD3  H N N 34  
ARG HE   H N N 35  
ARG HH11 H N N 36  
ARG HH12 H N N 37  
ARG HH21 H N N 38  
ARG HH22 H N N 39  
ARG HXT  H N N 40  
ASN N    N N N 41  
ASN CA   C N S 42  
ASN C    C N N 43  
ASN O    O N N 44  
ASN CB   C N N 45  
ASN CG   C N N 46  
ASN OD1  O N N 47  
ASN ND2  N N N 48  
ASN OXT  O N N 49  
ASN H    H N N 50  
ASN H2   H N N 51  
ASN HA   H N N 52  
ASN HB2  H N N 53  
ASN HB3  H N N 54  
ASN HD21 H N N 55  
ASN HD22 H N N 56  
ASN HXT  H N N 57  
ASP N    N N N 58  
ASP CA   C N S 59  
ASP C    C N N 60  
ASP O    O N N 61  
ASP CB   C N N 62  
ASP CG   C N N 63  
ASP OD1  O N N 64  
ASP OD2  O N N 65  
ASP OXT  O N N 66  
ASP H    H N N 67  
ASP H2   H N N 68  
ASP HA   H N N 69  
ASP HB2  H N N 70  
ASP HB3  H N N 71  
ASP HD2  H N N 72  
ASP HXT  H N N 73  
GLN N    N N N 74  
GLN CA   C N S 75  
GLN C    C N N 76  
GLN O    O N N 77  
GLN CB   C N N 78  
GLN CG   C N N 79  
GLN CD   C N N 80  
GLN OE1  O N N 81  
GLN NE2  N N N 82  
GLN OXT  O N N 83  
GLN H    H N N 84  
GLN H2   H N N 85  
GLN HA   H N N 86  
GLN HB2  H N N 87  
GLN HB3  H N N 88  
GLN HG2  H N N 89  
GLN HG3  H N N 90  
GLN HE21 H N N 91  
GLN HE22 H N N 92  
GLN HXT  H N N 93  
GLU N    N N N 94  
GLU CA   C N S 95  
GLU C    C N N 96  
GLU O    O N N 97  
GLU CB   C N N 98  
GLU CG   C N N 99  
GLU CD   C N N 100 
GLU OE1  O N N 101 
GLU OE2  O N N 102 
GLU OXT  O N N 103 
GLU H    H N N 104 
GLU H2   H N N 105 
GLU HA   H N N 106 
GLU HB2  H N N 107 
GLU HB3  H N N 108 
GLU HG2  H N N 109 
GLU HG3  H N N 110 
GLU HE2  H N N 111 
GLU HXT  H N N 112 
GLY N    N N N 113 
GLY CA   C N N 114 
GLY C    C N N 115 
GLY O    O N N 116 
GLY OXT  O N N 117 
GLY H    H N N 118 
GLY H2   H N N 119 
GLY HA2  H N N 120 
GLY HA3  H N N 121 
GLY HXT  H N N 122 
HIS N    N N N 123 
HIS CA   C N S 124 
HIS C    C N N 125 
HIS O    O N N 126 
HIS CB   C N N 127 
HIS CG   C Y N 128 
HIS ND1  N Y N 129 
HIS CD2  C Y N 130 
HIS CE1  C Y N 131 
HIS NE2  N Y N 132 
HIS OXT  O N N 133 
HIS H    H N N 134 
HIS H2   H N N 135 
HIS HA   H N N 136 
HIS HB2  H N N 137 
HIS HB3  H N N 138 
HIS HD1  H N N 139 
HIS HD2  H N N 140 
HIS HE1  H N N 141 
HIS HE2  H N N 142 
HIS HXT  H N N 143 
HOH O    O N N 144 
HOH H1   H N N 145 
HOH H2   H N N 146 
ILE N    N N N 147 
ILE CA   C N S 148 
ILE C    C N N 149 
ILE O    O N N 150 
ILE CB   C N S 151 
ILE CG1  C N N 152 
ILE CG2  C N N 153 
ILE CD1  C N N 154 
ILE OXT  O N N 155 
ILE H    H N N 156 
ILE H2   H N N 157 
ILE HA   H N N 158 
ILE HB   H N N 159 
ILE HG12 H N N 160 
ILE HG13 H N N 161 
ILE HG21 H N N 162 
ILE HG22 H N N 163 
ILE HG23 H N N 164 
ILE HD11 H N N 165 
ILE HD12 H N N 166 
ILE HD13 H N N 167 
ILE HXT  H N N 168 
LEU N    N N N 169 
LEU CA   C N S 170 
LEU C    C N N 171 
LEU O    O N N 172 
LEU CB   C N N 173 
LEU CG   C N N 174 
LEU CD1  C N N 175 
LEU CD2  C N N 176 
LEU OXT  O N N 177 
LEU H    H N N 178 
LEU H2   H N N 179 
LEU HA   H N N 180 
LEU HB2  H N N 181 
LEU HB3  H N N 182 
LEU HG   H N N 183 
LEU HD11 H N N 184 
LEU HD12 H N N 185 
LEU HD13 H N N 186 
LEU HD21 H N N 187 
LEU HD22 H N N 188 
LEU HD23 H N N 189 
LEU HXT  H N N 190 
LYS N    N N N 191 
LYS CA   C N S 192 
LYS C    C N N 193 
LYS O    O N N 194 
LYS CB   C N N 195 
LYS CG   C N N 196 
LYS CD   C N N 197 
LYS CE   C N N 198 
LYS NZ   N N N 199 
LYS OXT  O N N 200 
LYS H    H N N 201 
LYS H2   H N N 202 
LYS HA   H N N 203 
LYS HB2  H N N 204 
LYS HB3  H N N 205 
LYS HG2  H N N 206 
LYS HG3  H N N 207 
LYS HD2  H N N 208 
LYS HD3  H N N 209 
LYS HE2  H N N 210 
LYS HE3  H N N 211 
LYS HZ1  H N N 212 
LYS HZ2  H N N 213 
LYS HZ3  H N N 214 
LYS HXT  H N N 215 
MET N    N N N 216 
MET CA   C N S 217 
MET C    C N N 218 
MET O    O N N 219 
MET CB   C N N 220 
MET CG   C N N 221 
MET SD   S N N 222 
MET CE   C N N 223 
MET OXT  O N N 224 
MET H    H N N 225 
MET H2   H N N 226 
MET HA   H N N 227 
MET HB2  H N N 228 
MET HB3  H N N 229 
MET HG2  H N N 230 
MET HG3  H N N 231 
MET HE1  H N N 232 
MET HE2  H N N 233 
MET HE3  H N N 234 
MET HXT  H N N 235 
SER N    N N N 236 
SER CA   C N S 237 
SER C    C N N 238 
SER O    O N N 239 
SER CB   C N N 240 
SER OG   O N N 241 
SER OXT  O N N 242 
SER H    H N N 243 
SER H2   H N N 244 
SER HA   H N N 245 
SER HB2  H N N 246 
SER HB3  H N N 247 
SER HG   H N N 248 
SER HXT  H N N 249 
THR N    N N N 250 
THR CA   C N S 251 
THR C    C N N 252 
THR O    O N N 253 
THR CB   C N R 254 
THR OG1  O N N 255 
THR CG2  C N N 256 
THR OXT  O N N 257 
THR H    H N N 258 
THR H2   H N N 259 
THR HA   H N N 260 
THR HB   H N N 261 
THR HG1  H N N 262 
THR HG21 H N N 263 
THR HG22 H N N 264 
THR HG23 H N N 265 
THR HXT  H N N 266 
TRP N    N N N 267 
TRP CA   C N S 268 
TRP C    C N N 269 
TRP O    O N N 270 
TRP CB   C N N 271 
TRP CG   C Y N 272 
TRP CD1  C Y N 273 
TRP CD2  C Y N 274 
TRP NE1  N Y N 275 
TRP CE2  C Y N 276 
TRP CE3  C Y N 277 
TRP CZ2  C Y N 278 
TRP CZ3  C Y N 279 
TRP CH2  C Y N 280 
TRP OXT  O N N 281 
TRP H    H N N 282 
TRP H2   H N N 283 
TRP HA   H N N 284 
TRP HB2  H N N 285 
TRP HB3  H N N 286 
TRP HD1  H N N 287 
TRP HE1  H N N 288 
TRP HE3  H N N 289 
TRP HZ2  H N N 290 
TRP HZ3  H N N 291 
TRP HH2  H N N 292 
TRP HXT  H N N 293 
TYR N    N N N 294 
TYR CA   C N S 295 
TYR C    C N N 296 
TYR O    O N N 297 
TYR CB   C N N 298 
TYR CG   C Y N 299 
TYR CD1  C Y N 300 
TYR CD2  C Y N 301 
TYR CE1  C Y N 302 
TYR CE2  C Y N 303 
TYR CZ   C Y N 304 
TYR OH   O N N 305 
TYR OXT  O N N 306 
TYR H    H N N 307 
TYR H2   H N N 308 
TYR HA   H N N 309 
TYR HB2  H N N 310 
TYR HB3  H N N 311 
TYR HD1  H N N 312 
TYR HD2  H N N 313 
TYR HE1  H N N 314 
TYR HE2  H N N 315 
TYR HH   H N N 316 
TYR HXT  H N N 317 
VAL N    N N N 318 
VAL CA   C N S 319 
VAL C    C N N 320 
VAL O    O N N 321 
VAL CB   C N N 322 
VAL CG1  C N N 323 
VAL CG2  C N N 324 
VAL OXT  O N N 325 
VAL H    H N N 326 
VAL H2   H N N 327 
VAL HA   H N N 328 
VAL HB   H N N 329 
VAL HG11 H N N 330 
VAL HG12 H N N 331 
VAL HG13 H N N 332 
VAL HG21 H N N 333 
VAL HG22 H N N 334 
VAL HG23 H N N 335 
VAL HXT  H N N 336 
# 
loop_
_chem_comp_bond.comp_id 
_chem_comp_bond.atom_id_1 
_chem_comp_bond.atom_id_2 
_chem_comp_bond.value_order 
_chem_comp_bond.pdbx_aromatic_flag 
_chem_comp_bond.pdbx_stereo_config 
_chem_comp_bond.pdbx_ordinal 
ALA N   CA   sing N N 1   
ALA N   H    sing N N 2   
ALA N   H2   sing N N 3   
ALA CA  C    sing N N 4   
ALA CA  CB   sing N N 5   
ALA CA  HA   sing N N 6   
ALA C   O    doub N N 7   
ALA C   OXT  sing N N 8   
ALA CB  HB1  sing N N 9   
ALA CB  HB2  sing N N 10  
ALA CB  HB3  sing N N 11  
ALA OXT HXT  sing N N 12  
ARG N   CA   sing N N 13  
ARG N   H    sing N N 14  
ARG N   H2   sing N N 15  
ARG CA  C    sing N N 16  
ARG CA  CB   sing N N 17  
ARG CA  HA   sing N N 18  
ARG C   O    doub N N 19  
ARG C   OXT  sing N N 20  
ARG CB  CG   sing N N 21  
ARG CB  HB2  sing N N 22  
ARG CB  HB3  sing N N 23  
ARG CG  CD   sing N N 24  
ARG CG  HG2  sing N N 25  
ARG CG  HG3  sing N N 26  
ARG CD  NE   sing N N 27  
ARG CD  HD2  sing N N 28  
ARG CD  HD3  sing N N 29  
ARG NE  CZ   sing N N 30  
ARG NE  HE   sing N N 31  
ARG CZ  NH1  sing N N 32  
ARG CZ  NH2  doub N N 33  
ARG NH1 HH11 sing N N 34  
ARG NH1 HH12 sing N N 35  
ARG NH2 HH21 sing N N 36  
ARG NH2 HH22 sing N N 37  
ARG OXT HXT  sing N N 38  
ASN N   CA   sing N N 39  
ASN N   H    sing N N 40  
ASN N   H2   sing N N 41  
ASN CA  C    sing N N 42  
ASN CA  CB   sing N N 43  
ASN CA  HA   sing N N 44  
ASN C   O    doub N N 45  
ASN C   OXT  sing N N 46  
ASN CB  CG   sing N N 47  
ASN CB  HB2  sing N N 48  
ASN CB  HB3  sing N N 49  
ASN CG  OD1  doub N N 50  
ASN CG  ND2  sing N N 51  
ASN ND2 HD21 sing N N 52  
ASN ND2 HD22 sing N N 53  
ASN OXT HXT  sing N N 54  
ASP N   CA   sing N N 55  
ASP N   H    sing N N 56  
ASP N   H2   sing N N 57  
ASP CA  C    sing N N 58  
ASP CA  CB   sing N N 59  
ASP CA  HA   sing N N 60  
ASP C   O    doub N N 61  
ASP C   OXT  sing N N 62  
ASP CB  CG   sing N N 63  
ASP CB  HB2  sing N N 64  
ASP CB  HB3  sing N N 65  
ASP CG  OD1  doub N N 66  
ASP CG  OD2  sing N N 67  
ASP OD2 HD2  sing N N 68  
ASP OXT HXT  sing N N 69  
GLN N   CA   sing N N 70  
GLN N   H    sing N N 71  
GLN N   H2   sing N N 72  
GLN CA  C    sing N N 73  
GLN CA  CB   sing N N 74  
GLN CA  HA   sing N N 75  
GLN C   O    doub N N 76  
GLN C   OXT  sing N N 77  
GLN CB  CG   sing N N 78  
GLN CB  HB2  sing N N 79  
GLN CB  HB3  sing N N 80  
GLN CG  CD   sing N N 81  
GLN CG  HG2  sing N N 82  
GLN CG  HG3  sing N N 83  
GLN CD  OE1  doub N N 84  
GLN CD  NE2  sing N N 85  
GLN NE2 HE21 sing N N 86  
GLN NE2 HE22 sing N N 87  
GLN OXT HXT  sing N N 88  
GLU N   CA   sing N N 89  
GLU N   H    sing N N 90  
GLU N   H2   sing N N 91  
GLU CA  C    sing N N 92  
GLU CA  CB   sing N N 93  
GLU CA  HA   sing N N 94  
GLU C   O    doub N N 95  
GLU C   OXT  sing N N 96  
GLU CB  CG   sing N N 97  
GLU CB  HB2  sing N N 98  
GLU CB  HB3  sing N N 99  
GLU CG  CD   sing N N 100 
GLU CG  HG2  sing N N 101 
GLU CG  HG3  sing N N 102 
GLU CD  OE1  doub N N 103 
GLU CD  OE2  sing N N 104 
GLU OE2 HE2  sing N N 105 
GLU OXT HXT  sing N N 106 
GLY N   CA   sing N N 107 
GLY N   H    sing N N 108 
GLY N   H2   sing N N 109 
GLY CA  C    sing N N 110 
GLY CA  HA2  sing N N 111 
GLY CA  HA3  sing N N 112 
GLY C   O    doub N N 113 
GLY C   OXT  sing N N 114 
GLY OXT HXT  sing N N 115 
HIS N   CA   sing N N 116 
HIS N   H    sing N N 117 
HIS N   H2   sing N N 118 
HIS CA  C    sing N N 119 
HIS CA  CB   sing N N 120 
HIS CA  HA   sing N N 121 
HIS C   O    doub N N 122 
HIS C   OXT  sing N N 123 
HIS CB  CG   sing N N 124 
HIS CB  HB2  sing N N 125 
HIS CB  HB3  sing N N 126 
HIS CG  ND1  sing Y N 127 
HIS CG  CD2  doub Y N 128 
HIS ND1 CE1  doub Y N 129 
HIS ND1 HD1  sing N N 130 
HIS CD2 NE2  sing Y N 131 
HIS CD2 HD2  sing N N 132 
HIS CE1 NE2  sing Y N 133 
HIS CE1 HE1  sing N N 134 
HIS NE2 HE2  sing N N 135 
HIS OXT HXT  sing N N 136 
HOH O   H1   sing N N 137 
HOH O   H2   sing N N 138 
ILE N   CA   sing N N 139 
ILE N   H    sing N N 140 
ILE N   H2   sing N N 141 
ILE CA  C    sing N N 142 
ILE CA  CB   sing N N 143 
ILE CA  HA   sing N N 144 
ILE C   O    doub N N 145 
ILE C   OXT  sing N N 146 
ILE CB  CG1  sing N N 147 
ILE CB  CG2  sing N N 148 
ILE CB  HB   sing N N 149 
ILE CG1 CD1  sing N N 150 
ILE CG1 HG12 sing N N 151 
ILE CG1 HG13 sing N N 152 
ILE CG2 HG21 sing N N 153 
ILE CG2 HG22 sing N N 154 
ILE CG2 HG23 sing N N 155 
ILE CD1 HD11 sing N N 156 
ILE CD1 HD12 sing N N 157 
ILE CD1 HD13 sing N N 158 
ILE OXT HXT  sing N N 159 
LEU N   CA   sing N N 160 
LEU N   H    sing N N 161 
LEU N   H2   sing N N 162 
LEU CA  C    sing N N 163 
LEU CA  CB   sing N N 164 
LEU CA  HA   sing N N 165 
LEU C   O    doub N N 166 
LEU C   OXT  sing N N 167 
LEU CB  CG   sing N N 168 
LEU CB  HB2  sing N N 169 
LEU CB  HB3  sing N N 170 
LEU CG  CD1  sing N N 171 
LEU CG  CD2  sing N N 172 
LEU CG  HG   sing N N 173 
LEU CD1 HD11 sing N N 174 
LEU CD1 HD12 sing N N 175 
LEU CD1 HD13 sing N N 176 
LEU CD2 HD21 sing N N 177 
LEU CD2 HD22 sing N N 178 
LEU CD2 HD23 sing N N 179 
LEU OXT HXT  sing N N 180 
LYS N   CA   sing N N 181 
LYS N   H    sing N N 182 
LYS N   H2   sing N N 183 
LYS CA  C    sing N N 184 
LYS CA  CB   sing N N 185 
LYS CA  HA   sing N N 186 
LYS C   O    doub N N 187 
LYS C   OXT  sing N N 188 
LYS CB  CG   sing N N 189 
LYS CB  HB2  sing N N 190 
LYS CB  HB3  sing N N 191 
LYS CG  CD   sing N N 192 
LYS CG  HG2  sing N N 193 
LYS CG  HG3  sing N N 194 
LYS CD  CE   sing N N 195 
LYS CD  HD2  sing N N 196 
LYS CD  HD3  sing N N 197 
LYS CE  NZ   sing N N 198 
LYS CE  HE2  sing N N 199 
LYS CE  HE3  sing N N 200 
LYS NZ  HZ1  sing N N 201 
LYS NZ  HZ2  sing N N 202 
LYS NZ  HZ3  sing N N 203 
LYS OXT HXT  sing N N 204 
MET N   CA   sing N N 205 
MET N   H    sing N N 206 
MET N   H2   sing N N 207 
MET CA  C    sing N N 208 
MET CA  CB   sing N N 209 
MET CA  HA   sing N N 210 
MET C   O    doub N N 211 
MET C   OXT  sing N N 212 
MET CB  CG   sing N N 213 
MET CB  HB2  sing N N 214 
MET CB  HB3  sing N N 215 
MET CG  SD   sing N N 216 
MET CG  HG2  sing N N 217 
MET CG  HG3  sing N N 218 
MET SD  CE   sing N N 219 
MET CE  HE1  sing N N 220 
MET CE  HE2  sing N N 221 
MET CE  HE3  sing N N 222 
MET OXT HXT  sing N N 223 
SER N   CA   sing N N 224 
SER N   H    sing N N 225 
SER N   H2   sing N N 226 
SER CA  C    sing N N 227 
SER CA  CB   sing N N 228 
SER CA  HA   sing N N 229 
SER C   O    doub N N 230 
SER C   OXT  sing N N 231 
SER CB  OG   sing N N 232 
SER CB  HB2  sing N N 233 
SER CB  HB3  sing N N 234 
SER OG  HG   sing N N 235 
SER OXT HXT  sing N N 236 
THR N   CA   sing N N 237 
THR N   H    sing N N 238 
THR N   H2   sing N N 239 
THR CA  C    sing N N 240 
THR CA  CB   sing N N 241 
THR CA  HA   sing N N 242 
THR C   O    doub N N 243 
THR C   OXT  sing N N 244 
THR CB  OG1  sing N N 245 
THR CB  CG2  sing N N 246 
THR CB  HB   sing N N 247 
THR OG1 HG1  sing N N 248 
THR CG2 HG21 sing N N 249 
THR CG2 HG22 sing N N 250 
THR CG2 HG23 sing N N 251 
THR OXT HXT  sing N N 252 
TRP N   CA   sing N N 253 
TRP N   H    sing N N 254 
TRP N   H2   sing N N 255 
TRP CA  C    sing N N 256 
TRP CA  CB   sing N N 257 
TRP CA  HA   sing N N 258 
TRP C   O    doub N N 259 
TRP C   OXT  sing N N 260 
TRP CB  CG   sing N N 261 
TRP CB  HB2  sing N N 262 
TRP CB  HB3  sing N N 263 
TRP CG  CD1  doub Y N 264 
TRP CG  CD2  sing Y N 265 
TRP CD1 NE1  sing Y N 266 
TRP CD1 HD1  sing N N 267 
TRP CD2 CE2  doub Y N 268 
TRP CD2 CE3  sing Y N 269 
TRP NE1 CE2  sing Y N 270 
TRP NE1 HE1  sing N N 271 
TRP CE2 CZ2  sing Y N 272 
TRP CE3 CZ3  doub Y N 273 
TRP CE3 HE3  sing N N 274 
TRP CZ2 CH2  doub Y N 275 
TRP CZ2 HZ2  sing N N 276 
TRP CZ3 CH2  sing Y N 277 
TRP CZ3 HZ3  sing N N 278 
TRP CH2 HH2  sing N N 279 
TRP OXT HXT  sing N N 280 
TYR N   CA   sing N N 281 
TYR N   H    sing N N 282 
TYR N   H2   sing N N 283 
TYR CA  C    sing N N 284 
TYR CA  CB   sing N N 285 
TYR CA  HA   sing N N 286 
TYR C   O    doub N N 287 
TYR C   OXT  sing N N 288 
TYR CB  CG   sing N N 289 
TYR CB  HB2  sing N N 290 
TYR CB  HB3  sing N N 291 
TYR CG  CD1  doub Y N 292 
TYR CG  CD2  sing Y N 293 
TYR CD1 CE1  sing Y N 294 
TYR CD1 HD1  sing N N 295 
TYR CD2 CE2  doub Y N 296 
TYR CD2 HD2  sing N N 297 
TYR CE1 CZ   doub Y N 298 
TYR CE1 HE1  sing N N 299 
TYR CE2 CZ   sing Y N 300 
TYR CE2 HE2  sing N N 301 
TYR CZ  OH   sing N N 302 
TYR OH  HH   sing N N 303 
TYR OXT HXT  sing N N 304 
VAL N   CA   sing N N 305 
VAL N   H    sing N N 306 
VAL N   H2   sing N N 307 
VAL CA  C    sing N N 308 
VAL CA  CB   sing N N 309 
VAL CA  HA   sing N N 310 
VAL C   O    doub N N 311 
VAL C   OXT  sing N N 312 
VAL CB  CG1  sing N N 313 
VAL CB  CG2  sing N N 314 
VAL CB  HB   sing N N 315 
VAL CG1 HG11 sing N N 316 
VAL CG1 HG12 sing N N 317 
VAL CG1 HG13 sing N N 318 
VAL CG2 HG21 sing N N 319 
VAL CG2 HG22 sing N N 320 
VAL CG2 HG23 sing N N 321 
VAL OXT HXT  sing N N 322 
# 
_atom_sites.entry_id                    3WFV 
_atom_sites.fract_transf_matrix[1][1]   0.02377388 
_atom_sites.fract_transf_matrix[1][2]   0.00301035 
_atom_sites.fract_transf_matrix[1][3]   0.00560332 
_atom_sites.fract_transf_matrix[2][1]   0.01734538 
_atom_sites.fract_transf_matrix[2][2]   -0.01067528 
_atom_sites.fract_transf_matrix[2][3]   -0.01381406 
_atom_sites.fract_transf_matrix[3][1]   0.00018784 
_atom_sites.fract_transf_matrix[3][2]   0.00438497 
_atom_sites.fract_transf_matrix[3][3]   -0.00315277 
_atom_sites.fract_transf_vector[1]      0.172493 
_atom_sites.fract_transf_vector[2]      0.631804 
_atom_sites.fract_transf_vector[3]      -0.056090 
# 
loop_
_atom_type.symbol 
C 
N 
O 
S 
# 
loop_
_atom_site.group_PDB 
_atom_site.id 
_atom_site.type_symbol 
_atom_site.label_atom_id 
_atom_site.label_alt_id 
_atom_site.label_comp_id 
_atom_site.label_asym_id 
_atom_site.label_entity_id 
_atom_site.label_seq_id 
_atom_site.pdbx_PDB_ins_code 
_atom_site.Cartn_x 
_atom_site.Cartn_y 
_atom_site.Cartn_z 
_atom_site.occupancy 
_atom_site.B_iso_or_equiv 
_atom_site.pdbx_formal_charge 
_atom_site.auth_seq_id 
_atom_site.auth_comp_id 
_atom_site.auth_asym_id 
_atom_site.auth_atom_id 
_atom_site.pdbx_PDB_model_num 
ATOM   1   N N   . ALA A 1 1  ? 3.505   -19.282 26.626  1.00 46.98 ? 538 ALA A N   1 
ATOM   2   C CA  . ALA A 1 1  ? 2.326   -20.063 26.265  1.00 48.20 ? 538 ALA A CA  1 
ATOM   3   C C   . ALA A 1 1  ? 1.156   -19.114 26.036  1.00 48.19 ? 538 ALA A C   1 
ATOM   4   O O   . ALA A 1 1  ? 0.789   -18.820 24.895  1.00 49.74 ? 538 ALA A O   1 
ATOM   5   C CB  . ALA A 1 1  ? 2.001   -21.079 27.353  1.00 45.58 ? 538 ALA A CB  1 
ATOM   6   N N   . GLY A 1 2  ? 0.570   -18.630 27.127  1.00 41.30 ? 539 GLY A N   1 
ATOM   7   C CA  . GLY A 1 2  ? -0.345  -17.506 27.049  1.00 38.66 ? 539 GLY A CA  1 
ATOM   8   C C   . GLY A 1 2  ? 0.500   -16.303 26.673  1.00 38.75 ? 539 GLY A C   1 
ATOM   9   O O   . GLY A 1 2  ? 0.056   -15.402 25.953  1.00 37.16 ? 539 GLY A O   1 
ATOM   10  N N   . ALA A 1 3  ? 1.738   -16.303 27.169  1.00 34.83 ? 540 ALA A N   1 
ATOM   11  C CA  . ALA A 1 3  ? 2.724   -15.314 26.769  1.00 31.56 ? 540 ALA A CA  1 
ATOM   12  C C   . ALA A 1 3  ? 2.869   -15.339 25.241  1.00 33.99 ? 540 ALA A C   1 
ATOM   13  O O   . ALA A 1 3  ? 2.838   -14.287 24.589  1.00 34.18 ? 540 ALA A O   1 
ATOM   14  C CB  . ALA A 1 3  ? 4.064   -15.604 27.449  1.00 31.79 ? 540 ALA A CB  1 
ATOM   15  N N   . GLY A 1 4  ? 2.995   -16.540 24.676  1.00 35.43 ? 541 GLY A N   1 
ATOM   16  C CA  . GLY A 1 4  ? 3.123   -16.703 23.233  1.00 36.45 ? 541 GLY A CA  1 
ATOM   17  C C   . GLY A 1 4  ? 1.971   -16.133 22.429  1.00 32.47 ? 541 GLY A C   1 
ATOM   18  O O   . GLY A 1 4  ? 2.175   -15.465 21.407  1.00 29.99 ? 541 GLY A O   1 
ATOM   19  N N   . GLN A 1 5  ? 0.753   -16.400 22.878  1.00 28.19 ? 542 GLN A N   1 
ATOM   20  C CA  . GLN A 1 5  ? -0.447  -15.877 22.235  1.00 27.77 ? 542 GLN A CA  1 
ATOM   21  C C   . GLN A 1 5  ? -0.492  -14.363 22.232  1.00 27.25 ? 542 GLN A C   1 
ATOM   22  O O   . GLN A 1 5  ? -0.961  -13.748 21.278  1.00 25.04 ? 542 GLN A O   1 
ATOM   23  C CB  . GLN A 1 5  ? -1.684  -16.338 22.996  1.00 33.80 ? 542 GLN A CB  1 
ATOM   24  C CG  . GLN A 1 5  ? -2.219  -17.704 22.669  1.00 40.16 ? 542 GLN A CG  1 
ATOM   25  C CD  . GLN A 1 5  ? -3.643  -17.840 23.174  1.00 43.96 ? 542 GLN A CD  1 
ATOM   26  O OE1 . GLN A 1 5  ? -4.338  -16.835 23.348  1.00 47.99 ? 542 GLN A OE1 1 
ATOM   27  N NE2 . GLN A 1 5  ? -4.082  -19.071 23.420  1.00 49.83 ? 542 GLN A NE2 1 
ATOM   28  N N   . SER A 1 6  ? -0.076  -13.759 23.339  1.00 27.46 ? 543 SER A N   1 
ATOM   29  C CA  . SER A 1 6  ? -0.164  -12.314 23.467  1.00 27.48 ? 543 SER A CA  1 
ATOM   30  C C   . SER A 1 6  ? 0.820   -11.685 22.512  1.00 24.49 ? 543 SER A C   1 
ATOM   31  O O   . SER A 1 6  ? 0.512   -10.692 21.860  1.00 25.42 ? 543 SER A O   1 
ATOM   32  C CB  . SER A 1 6  ? 0.152   -11.882 24.887  1.00 31.62 ? 543 SER A CB  1 
ATOM   33  O OG  . SER A 1 6  ? 1.350   -12.492 25.326  1.00 39.08 ? 543 SER A OG  1 
ATOM   34  N N   . ASN A 1 7  ? 2.005   -12.282 22.436  1.00 27.92 ? 544 ASN A N   1 
ATOM   35  C CA  . ASN A 1 7  ? 3.035   -11.840 21.503  1.00 25.25 ? 544 ASN A CA  1 
ATOM   36  C C   . ASN A 1 7  ? 2.556   -11.921 20.069  1.00 22.44 ? 544 ASN A C   1 
ATOM   37  O O   . ASN A 1 7  ? 2.717   -10.980 19.307  1.00 24.11 ? 544 ASN A O   1 
ATOM   38  C CB  . ASN A 1 7  ? 4.304   -12.688 21.656  1.00 26.07 ? 544 ASN A CB  1 
ATOM   39  C CG  . ASN A 1 7  ? 5.504   -12.055 20.994  1.00 27.03 ? 544 ASN A CG  1 
ATOM   40  O OD1 . ASN A 1 7  ? 5.483   -10.862 20.652  1.00 31.40 ? 544 ASN A OD1 1 
ATOM   41  N ND2 . ASN A 1 7  ? 6.581   -12.833 20.843  1.00 30.61 ? 544 ASN A ND2 1 
ATOM   42  N N   . ASP A 1 8  ? 2.029   -13.083 19.690  1.00 25.22 ? 545 ASP A N   1 
ATOM   43  C CA  . ASP A 1 8  ? 1.495   -13.316 18.353  1.00 20.54 ? 545 ASP A CA  1 
ATOM   44  C C   . ASP A 1 8  ? 0.406   -12.312 18.020  1.00 21.58 ? 545 ASP A C   1 
ATOM   45  O O   . ASP A 1 8  ? 0.349   -11.812 16.903  1.00 21.50 ? 545 ASP A O   1 
ATOM   46  C CB  . ASP A 1 8  ? 0.891   -14.722 18.266  1.00 24.50 ? 545 ASP A CB  1 
ATOM   47  C CG  . ASP A 1 8  ? 1.863   -15.766 17.762  1.00 29.23 ? 545 ASP A CG  1 
ATOM   48  O OD1 . ASP A 1 8  ? 2.714   -15.460 16.878  1.00 33.41 ? 545 ASP A OD1 1 
ATOM   49  O OD2 . ASP A 1 8  ? 1.738   -16.938 18.203  1.00 28.70 ? 545 ASP A OD2 1 
ATOM   50  N N   . SER A 1 9  ? -0.489  -12.063 18.979  1.00 21.86 ? 546 SER A N   1 
ATOM   51  C CA  . SER A 1 9  ? -1.556  -11.084 18.814  1.00 18.88 ? 546 SER A CA  1 
ATOM   52  C C   . SER A 1 9  ? -0.953  -9.698  18.565  1.00 20.84 ? 546 SER A C   1 
ATOM   53  O O   . SER A 1 9  ? -1.457  -8.935  17.732  1.00 21.70 ? 546 SER A O   1 
ATOM   54  C CB  . SER A 1 9  ? -2.430  -11.046 20.074  1.00 23.40 ? 546 SER A CB  1 
ATOM   55  O OG  . SER A 1 9  ? -3.489  -10.121 19.907  1.00 31.28 ? 546 SER A OG  1 
ATOM   56  N N   . GLY A 1 10 ? 0.128   -9.387  19.281  1.00 20.02 ? 547 GLY A N   1 
ATOM   57  C CA  . GLY A 1 10 ? 0.807   -8.104  19.134  1.00 20.43 ? 547 GLY A CA  1 
ATOM   58  C C   . GLY A 1 10 ? 1.488   -7.962  17.780  1.00 21.63 ? 547 GLY A C   1 
ATOM   59  O O   . GLY A 1 10 ? 1.474   -6.896  17.167  1.00 23.11 ? 547 GLY A O   1 
ATOM   60  N N   . ILE A 1 11 ? 2.075   -9.050  17.296  1.00 20.53 ? 548 ILE A N   1 
ATOM   61  C CA  . ILE A 1 11 ? 2.744   -9.033  15.993  1.00 19.53 ? 548 ILE A CA  1 
ATOM   62  C C   . ILE A 1 11 ? 1.709   -8.892  14.860  1.00 20.58 ? 548 ILE A C   1 
ATOM   63  O O   . ILE A 1 11 ? 1.925   -8.154  13.902  1.00 19.64 ? 548 ILE A O   1 
ATOM   64  C CB  . ILE A 1 11 ? 3.595   -10.314 15.791  1.00 20.04 ? 548 ILE A CB  1 
ATOM   65  C CG1 . ILE A 1 11 ? 4.828   -10.303 16.710  1.00 18.06 ? 548 ILE A CG1 1 
ATOM   66  C CG2 . ILE A 1 11 ? 4.058   -10.439 14.352  1.00 23.10 ? 548 ILE A CG2 1 
ATOM   67  C CD1 . ILE A 1 11 ? 5.498   -11.644 16.818  1.00 21.66 ? 548 ILE A CD1 1 
ATOM   68  N N   . VAL A 1 12 ? 0.589   -9.605  14.967  1.00 17.16 ? 549 VAL A N   1 
ATOM   69  C CA  . VAL A 1 12 ? -0.494  -9.480  13.981  1.00 18.41 ? 549 VAL A CA  1 
ATOM   70  C C   . VAL A 1 12 ? -1.086  -8.073  13.974  1.00 18.08 ? 549 VAL A C   1 
ATOM   71  O O   . VAL A 1 12 ? -1.326  -7.504  12.908  1.00 18.65 ? 549 VAL A O   1 
ATOM   72  C CB  . VAL A 1 12 ? -1.582  -10.549 14.223  1.00 18.65 ? 549 VAL A CB  1 
ATOM   73  C CG1 . VAL A 1 12 ? -2.826  -10.269 13.401  1.00 19.22 ? 549 VAL A CG1 1 
ATOM   74  C CG2 . VAL A 1 12 ? -1.000  -11.909 13.864  1.00 13.76 ? 549 VAL A CG2 1 
ATOM   75  N N   . GLN A 1 13 ? -1.295  -7.509  15.160  1.00 20.18 ? 550 GLN A N   1 
ATOM   76  C CA  . GLN A 1 13 ? -1.746  -6.136  15.274  1.00 20.67 ? 550 GLN A CA  1 
ATOM   77  C C   . GLN A 1 13 ? -0.738  -5.230  14.588  1.00 22.78 ? 550 GLN A C   1 
ATOM   78  O O   . GLN A 1 13 ? -1.117  -4.320  13.861  1.00 21.47 ? 550 GLN A O   1 
ATOM   79  C CB  . GLN A 1 13 ? -1.881  -5.727  16.738  1.00 22.74 ? 550 GLN A CB  1 
ATOM   80  C CG  . GLN A 1 13 ? -2.371  -4.292  16.898  1.00 29.35 ? 550 GLN A CG  1 
ATOM   81  C CD  . GLN A 1 13 ? -3.677  -4.078  16.157  1.00 37.20 ? 550 GLN A CD  1 
ATOM   82  O OE1 . GLN A 1 13 ? -3.757  -3.313  15.173  1.00 33.57 ? 550 GLN A OE1 1 
ATOM   83  N NE2 . GLN A 1 13 ? -4.713  -4.777  16.611  1.00 36.44 ? 550 GLN A NE2 1 
ATOM   84  N N   . GLN A 1 14 ? 0.547   -5.486  14.823  1.00 20.51 ? 551 GLN A N   1 
ATOM   85  C CA  . GLN A 1 14 ? 1.601   -4.674  14.226  1.00 19.37 ? 551 GLN A CA  1 
ATOM   86  C C   . GLN A 1 14 ? 1.611   -4.726  12.695  1.00 21.76 ? 551 GLN A C   1 
ATOM   87  O O   . GLN A 1 14 ? 1.866   -3.718  12.028  1.00 23.45 ? 551 GLN A O   1 
ATOM   88  C CB  . GLN A 1 14 ? 2.982   -5.026  14.813  1.00 25.12 ? 551 GLN A CB  1 
ATOM   89  C CG  . GLN A 1 14 ? 4.136   -4.136  14.289  1.00 25.68 ? 551 GLN A CG  1 
ATOM   90  C CD  . GLN A 1 14 ? 4.140   -2.739  14.879  1.00 26.01 ? 551 GLN A CD  1 
ATOM   91  O OE1 . GLN A 1 14 ? 3.117   -2.050  14.903  1.00 26.37 ? 551 GLN A OE1 1 
ATOM   92  N NE2 . GLN A 1 14 ? 5.305   -2.308  15.367  1.00 24.68 ? 551 GLN A NE2 1 
ATOM   93  N N   . GLN A 1 15 ? 1.305   -5.887  12.127  1.00 20.08 ? 552 GLN A N   1 
ATOM   94  C CA  . GLN A 1 15 ? 1.207   -5.975  10.683  1.00 18.28 ? 552 GLN A CA  1 
ATOM   95  C C   . GLN A 1 15 ? 0.043   -5.135  10.160  1.00 22.66 ? 552 GLN A C   1 
ATOM   96  O O   . GLN A 1 15 ? 0.163   -4.473  9.116   1.00 22.13 ? 552 GLN A O   1 
ATOM   97  C CB  . GLN A 1 15 ? 1.070   -7.440  10.277  1.00 19.81 ? 552 GLN A CB  1 
ATOM   98  C CG  . GLN A 1 15 ? 2.307   -8.238  10.669  1.00 23.39 ? 552 GLN A CG  1 
ATOM   99  C CD  . GLN A 1 15 ? 2.428   -9.577  9.962   1.00 24.96 ? 552 GLN A CD  1 
ATOM   100 O OE1 . GLN A 1 15 ? 1.532   -10.425 10.042  1.00 23.29 ? 552 GLN A OE1 1 
ATOM   101 N NE2 . GLN A 1 15 ? 3.565   -9.784  9.273   1.00 29.12 ? 552 GLN A NE2 1 
ATOM   102 N N   . SER A 1 16 ? -1.077  -5.149  10.883  1.00 19.00 ? 553 SER A N   1 
ATOM   103 C CA  . SER A 1 16 ? -2.229  -4.341  10.494  1.00 18.38 ? 553 SER A CA  1 
ATOM   104 C C   . SER A 1 16 ? -1.841  -2.864  10.486  1.00 19.39 ? 553 SER A C   1 
ATOM   105 O O   . SER A 1 16 ? -2.143  -2.150  9.522   1.00 20.03 ? 553 SER A O   1 
ATOM   106 C CB  . SER A 1 16 ? -3.385  -4.577  11.448  1.00 19.09 ? 553 SER A CB  1 
ATOM   107 O OG  . SER A 1 16 ? -4.513  -3.830  11.028  1.00 22.22 ? 553 SER A OG  1 
ATOM   108 N N   . ASN A 1 17 ? -1.162  -2.430  11.552  1.00 21.11 ? 554 ASN A N   1 
ATOM   109 C CA  . ASN A 1 17 ? -0.644  -1.067  11.686  1.00 20.33 ? 554 ASN A CA  1 
ATOM   110 C C   . ASN A 1 17 ? 0.208   -0.682  10.482  1.00 20.62 ? 554 ASN A C   1 
ATOM   111 O O   . ASN A 1 17 ? -0.005  0.356   9.862   1.00 20.46 ? 554 ASN A O   1 
ATOM   112 C CB  . ASN A 1 17 ? 0.199   -0.918  12.958  1.00 21.95 ? 554 ASN A CB  1 
ATOM   113 C CG  . ASN A 1 17 ? -0.632  -0.921  14.228  1.00 27.73 ? 554 ASN A CG  1 
ATOM   114 O OD1 . ASN A 1 17 ? -1.845  -0.766  14.163  1.00 23.58 ? 554 ASN A OD1 1 
ATOM   115 N ND2 . ASN A 1 17 ? 0.026   -1.088  15.396  1.00 25.83 ? 554 ASN A ND2 1 
ATOM   116 N N   . LEU A 1 18 ? 1.184   -1.520  10.148  1.00 19.14 ? 555 LEU A N   1 
ATOM   117 C CA  . LEU A 1 18 ? 2.099   -1.181  9.048   1.00 17.18 ? 555 LEU A CA  1 
ATOM   118 C C   . LEU A 1 18 ? 1.382   -1.151  7.707   1.00 19.12 ? 555 LEU A C   1 
ATOM   119 O O   . LEU A 1 18 ? 1.680   -0.321  6.864   1.00 21.88 ? 555 LEU A O   1 
ATOM   120 C CB  . LEU A 1 18 ? 3.274   -2.166  8.991   1.00 19.52 ? 555 LEU A CB  1 
ATOM   121 C CG  . LEU A 1 18 ? 4.153   -2.184  10.253  1.00 21.74 ? 555 LEU A CG  1 
ATOM   122 C CD1 . LEU A 1 18 ? 5.288   -3.144  10.100  1.00 22.45 ? 555 LEU A CD1 1 
ATOM   123 C CD2 . LEU A 1 18 ? 4.669   -0.786  10.553  1.00 23.17 ? 555 LEU A CD2 1 
ATOM   124 N N   . LEU A 1 19 ? 0.444   -2.072  7.514   1.00 20.43 ? 556 LEU A N   1 
ATOM   125 C CA  . LEU A 1 19 ? -0.360  -2.114  6.294   1.00 20.14 ? 556 LEU A CA  1 
ATOM   126 C C   . LEU A 1 19 ? -1.114  -0.803  6.167   1.00 21.66 ? 556 LEU A C   1 
ATOM   127 O O   . LEU A 1 19 ? -1.121  -0.179  5.106   1.00 21.75 ? 556 LEU A O   1 
ATOM   128 C CB  . LEU A 1 19 ? -1.343  -3.283  6.357   1.00 20.11 ? 556 LEU A CB  1 
ATOM   129 C CG  . LEU A 1 19 ? -1.700  -4.065  5.077   1.00 30.80 ? 556 LEU A CG  1 
ATOM   130 C CD1 . LEU A 1 19 ? -3.070  -4.716  5.203   1.00 26.60 ? 556 LEU A CD1 1 
ATOM   131 C CD2 . LEU A 1 19 ? -1.612  -3.226  3.825   1.00 26.80 ? 556 LEU A CD2 1 
ATOM   132 N N   . ARG A 1 20 ? -1.739  -0.382  7.258   1.00 21.49 ? 557 ARG A N   1 
ATOM   133 C CA  . ARG A 1 20 ? -2.474  0.870   7.280   1.00 21.45 ? 557 ARG A CA  1 
ATOM   134 C C   . ARG A 1 20 ? -1.578  2.036   6.917   1.00 21.75 ? 557 ARG A C   1 
ATOM   135 O O   . ARG A 1 20 ? -1.993  2.915   6.169   1.00 20.78 ? 557 ARG A O   1 
ATOM   136 C CB  . ARG A 1 20 ? -3.032  1.130   8.673   1.00 26.02 ? 557 ARG A CB  1 
ATOM   137 C CG  . ARG A 1 20 ? -4.361  0.497   8.946   1.00 29.36 ? 557 ARG A CG  1 
ATOM   138 C CD  . ARG A 1 20 ? -4.878  1.062   10.237  1.00 32.99 ? 557 ARG A CD  1 
ATOM   139 N NE  . ARG A 1 20 ? -6.324  0.998   10.229  1.00 45.23 ? 557 ARG A NE  1 
ATOM   140 C CZ  . ARG A 1 20 ? -6.985  -0.047  10.693  1.00 43.08 ? 557 ARG A CZ  1 
ATOM   141 N NH1 . ARG A 1 20 ? -6.296  -1.052  11.208  1.00 43.42 ? 557 ARG A NH1 1 
ATOM   142 N NH2 . ARG A 1 20 ? -8.305  -0.089  10.655  1.00 40.14 ? 557 ARG A NH2 1 
ATOM   143 N N   . ALA A 1 21 ? -0.362  2.052   7.464   1.00 20.27 ? 558 ALA A N   1 
ATOM   144 C CA  . ALA A 1 21 ? 0.580   3.141   7.188   1.00 20.23 ? 558 ALA A CA  1 
ATOM   145 C C   . ALA A 1 21 ? 0.943   3.176   5.697   1.00 20.43 ? 558 ALA A C   1 
ATOM   146 O O   . ALA A 1 21 ? 0.936   4.239   5.068   1.00 20.04 ? 558 ALA A O   1 
ATOM   147 C CB  . ALA A 1 21 ? 1.843   2.984   8.036   1.00 18.62 ? 558 ALA A CB  1 
ATOM   148 N N   . ILE A 1 22 ? 1.271   2.019   5.134   1.00 19.70 ? 559 ILE A N   1 
ATOM   149 C CA  . ILE A 1 22 ? 1.616   1.938   3.714   1.00 18.70 ? 559 ILE A CA  1 
ATOM   150 C C   . ILE A 1 22 ? 0.422   2.399   2.851   1.00 19.16 ? 559 ILE A C   1 
ATOM   151 O O   . ILE A 1 22 ? 0.616   3.066   1.828   1.00 21.33 ? 559 ILE A O   1 
ATOM   152 C CB  . ILE A 1 22 ? 2.061   0.522   3.330   1.00 21.53 ? 559 ILE A CB  1 
ATOM   153 C CG1 . ILE A 1 22 ? 3.364   0.151   4.051   1.00 20.92 ? 559 ILE A CG1 1 
ATOM   154 C CG2 . ILE A 1 22 ? 2.309   0.420   1.819   1.00 23.82 ? 559 ILE A CG2 1 
ATOM   155 C CD1 . ILE A 1 22 ? 3.595   -1.349  4.102   1.00 22.96 ? 559 ILE A CD1 1 
ATOM   156 N N   . GLU A 1 23 ? -0.804  2.066   3.259   1.00 20.31 ? 560 GLU A N   1 
ATOM   157 C CA  . GLU A 1 23 ? -2.005  2.494   2.517   1.00 22.29 ? 560 GLU A CA  1 
ATOM   158 C C   . GLU A 1 23 ? -2.123  4.006   2.483   1.00 24.71 ? 560 GLU A C   1 
ATOM   159 O O   . GLU A 1 23 ? -2.362  4.591   1.431   1.00 24.48 ? 560 GLU A O   1 
ATOM   160 C CB  . GLU A 1 23 ? -3.292  1.975   3.174   1.00 25.81 ? 560 GLU A CB  1 
ATOM   161 C CG  . GLU A 1 23 ? -3.579  0.520   3.030   1.00 34.30 ? 560 GLU A CG  1 
ATOM   162 C CD  . GLU A 1 23 ? -4.962  0.183   3.565   1.00 39.27 ? 560 GLU A CD  1 
ATOM   163 O OE1 . GLU A 1 23 ? -5.812  1.114   3.618   1.00 41.79 ? 560 GLU A OE1 1 
ATOM   164 O OE2 . GLU A 1 23 ? -5.193  -0.997  3.934   1.00 41.22 ? 560 GLU A OE2 1 
ATOM   165 N N   . ALA A 1 24 ? -1.971  4.636   3.644   1.00 20.00 ? 561 ALA A N   1 
ATOM   166 C CA  . ALA A 1 24 ? -2.041  6.100   3.742   1.00 21.01 ? 561 ALA A CA  1 
ATOM   167 C C   . ALA A 1 24 ? -0.913  6.760   2.947   1.00 23.25 ? 561 ALA A C   1 
ATOM   168 O O   . ALA A 1 24 ? -1.080  7.828   2.357   1.00 23.22 ? 561 ALA A O   1 
ATOM   169 C CB  . ALA A 1 24 ? -1.987  6.528   5.199   1.00 20.08 ? 561 ALA A CB  1 
ATOM   170 N N   . GLN A 1 25 ? 0.251   6.121   2.919   1.00 23.30 ? 562 GLN A N   1 
ATOM   171 C CA  . GLN A 1 25 ? 1.361   6.675   2.165   1.00 19.05 ? 562 GLN A CA  1 
ATOM   172 C C   . GLN A 1 25 ? 1.110   6.562   0.678   1.00 20.32 ? 562 GLN A C   1 
ATOM   173 O O   . GLN A 1 25 ? 1.573   7.395   -0.098  1.00 24.03 ? 562 GLN A O   1 
ATOM   174 C CB  . GLN A 1 25 ? 2.671   5.973   2.522   1.00 24.06 ? 562 GLN A CB  1 
ATOM   175 C CG  . GLN A 1 25 ? 3.195   6.343   3.892   1.00 23.50 ? 562 GLN A CG  1 
ATOM   176 C CD  . GLN A 1 25 ? 4.588   5.799   4.129   1.00 25.09 ? 562 GLN A CD  1 
ATOM   177 O OE1 . GLN A 1 25 ? 4.902   4.671   3.734   1.00 30.61 ? 562 GLN A OE1 1 
ATOM   178 N NE2 . GLN A 1 25 ? 5.447   6.613   4.743   1.00 24.62 ? 562 GLN A NE2 1 
ATOM   179 N N   . GLN A 1 26 ? 0.417   5.505   0.271   1.00 20.99 ? 563 GLN A N   1 
ATOM   180 C CA  . GLN A 1 26 ? 0.040   5.368   -1.128  1.00 20.74 ? 563 GLN A CA  1 
ATOM   181 C C   . GLN A 1 26 ? -0.865  6.518   -1.545  1.00 20.20 ? 563 GLN A C   1 
ATOM   182 O O   . GLN A 1 26 ? -0.762  7.032   -2.652  1.00 23.42 ? 563 GLN A O   1 
ATOM   183 C CB  . GLN A 1 26 ? -0.650  4.037   -1.404  1.00 21.75 ? 563 GLN A CB  1 
ATOM   184 C CG  . GLN A 1 26 ? -0.995  3.860   -2.875  1.00 26.17 ? 563 GLN A CG  1 
ATOM   185 C CD  . GLN A 1 26 ? 0.250   3.911   -3.749  1.00 27.58 ? 563 GLN A CD  1 
ATOM   186 O OE1 . GLN A 1 26 ? 1.333   3.495   -3.323  1.00 28.49 ? 563 GLN A OE1 1 
ATOM   187 N NE2 . GLN A 1 26 ? 0.108   4.432   -4.967  1.00 29.46 ? 563 GLN A NE2 1 
ATOM   188 N N   . HIS A 1 27 ? -1.777  6.908   -0.673  1.00 24.67 ? 564 HIS A N   1 
ATOM   189 C CA  . HIS A 1 27 ? -2.656  8.030   -1.004  1.00 26.42 ? 564 HIS A CA  1 
ATOM   190 C C   . HIS A 1 27 ? -1.858  9.328   -1.082  1.00 23.51 ? 564 HIS A C   1 
ATOM   191 O O   . HIS A 1 27 ? -2.054  10.121  -2.007  1.00 24.79 ? 564 HIS A O   1 
ATOM   192 C CB  . HIS A 1 27 ? -3.857  8.106   -0.059  1.00 26.99 ? 564 HIS A CB  1 
ATOM   193 C CG  . HIS A 1 27 ? -4.790  6.949   -0.218  1.00 36.77 ? 564 HIS A CG  1 
ATOM   194 N ND1 . HIS A 1 27 ? -5.032  6.032   0.786   1.00 40.08 ? 564 HIS A ND1 1 
ATOM   195 C CD2 . HIS A 1 27 ? -5.511  6.527   -1.286  1.00 37.35 ? 564 HIS A CD2 1 
ATOM   196 C CE1 . HIS A 1 27 ? -5.874  5.114   0.350   1.00 37.65 ? 564 HIS A CE1 1 
ATOM   197 N NE2 . HIS A 1 27 ? -6.180  5.388   -0.905  1.00 40.81 ? 564 HIS A NE2 1 
ATOM   198 N N   . LEU A 1 28 ? -0.933  9.529   -0.145  1.00 22.20 ? 565 LEU A N   1 
ATOM   199 C CA  . LEU A 1 28 ? -0.002  10.661  -0.261  1.00 20.05 ? 565 LEU A CA  1 
ATOM   200 C C   . LEU A 1 28 ? 0.759   10.658  -1.590  1.00 22.78 ? 565 LEU A C   1 
ATOM   201 O O   . LEU A 1 28 ? 0.912   11.700  -2.223  1.00 23.24 ? 565 LEU A O   1 
ATOM   202 C CB  . LEU A 1 28 ? 1.000   10.662  0.891   1.00 24.88 ? 565 LEU A CB  1 
ATOM   203 C CG  . LEU A 1 28 ? 0.476   11.181  2.220   1.00 22.01 ? 565 LEU A CG  1 
ATOM   204 C CD1 . LEU A 1 28 ? 1.554   11.046  3.285   1.00 26.63 ? 565 LEU A CD1 1 
ATOM   205 C CD2 . LEU A 1 28 ? 0.107   12.638  2.037   1.00 27.80 ? 565 LEU A CD2 1 
ATOM   206 N N   . LEU A 1 29 ? 1.247   9.488   -2.000  1.00 24.49 ? 566 LEU A N   1 
ATOM   207 C CA  . LEU A 1 29 ? 1.947   9.366   -3.280  1.00 26.32 ? 566 LEU A CA  1 
ATOM   208 C C   . LEU A 1 29 ? 1.074   9.795   -4.438  1.00 26.01 ? 566 LEU A C   1 
ATOM   209 O O   . LEU A 1 29 ? 1.525   10.522  -5.331  1.00 23.22 ? 566 LEU A O   1 
ATOM   210 C CB  . LEU A 1 29 ? 2.446   7.936   -3.516  1.00 21.75 ? 566 LEU A CB  1 
ATOM   211 C CG  . LEU A 1 29 ? 3.853   7.676   -2.965  1.00 27.63 ? 566 LEU A CG  1 
ATOM   212 C CD1 . LEU A 1 29 ? 4.266   6.215   -3.108  1.00 26.76 ? 566 LEU A CD1 1 
ATOM   213 C CD2 . LEU A 1 29 ? 4.867   8.582   -3.653  1.00 26.17 ? 566 LEU A CD2 1 
ATOM   214 N N   . GLN A 1 30 ? -0.182  9.363   -4.431  1.00 23.15 ? 567 GLN A N   1 
ATOM   215 C CA  . GLN A 1 30 ? -1.064  9.726   -5.532  1.00 25.24 ? 567 GLN A CA  1 
ATOM   216 C C   . GLN A 1 30 ? -1.358  11.231  -5.527  1.00 24.90 ? 567 GLN A C   1 
ATOM   217 O O   . GLN A 1 30 ? -1.465  11.850  -6.583  1.00 24.25 ? 567 GLN A O   1 
ATOM   218 C CB  . GLN A 1 30 ? -2.339  8.875   -5.499  1.00 28.48 ? 567 GLN A CB  1 
ATOM   219 C CG  . GLN A 1 30 ? -2.153  7.504   -6.144  1.00 32.74 ? 567 GLN A CG  1 
ATOM   220 C CD  . GLN A 1 30 ? -2.941  6.413   -5.451  1.00 35.23 ? 567 GLN A CD  1 
ATOM   221 O OE1 . GLN A 1 30 ? -2.507  5.258   -5.411  1.00 40.51 ? 567 GLN A OE1 1 
ATOM   222 N NE2 . GLN A 1 30 ? -4.106  6.766   -4.900  1.00 35.11 ? 567 GLN A NE2 1 
ATOM   223 N N   . LEU A 1 31 ? -1.461  11.818  -4.339  1.00 26.00 ? 568 LEU A N   1 
ATOM   224 C CA  . LEU A 1 31 ? -1.594  13.279  -4.210  1.00 21.51 ? 568 LEU A CA  1 
ATOM   225 C C   . LEU A 1 31 ? -0.379  14.022  -4.778  1.00 22.55 ? 568 LEU A C   1 
ATOM   226 O O   . LEU A 1 31 ? -0.535  15.047  -5.429  1.00 25.06 ? 568 LEU A O   1 
ATOM   227 C CB  . LEU A 1 31 ? -1.819  13.694  -2.752  1.00 22.35 ? 568 LEU A CB  1 
ATOM   228 C CG  . LEU A 1 31 ? -3.223  13.538  -2.148  1.00 24.40 ? 568 LEU A CG  1 
ATOM   229 C CD1 . LEU A 1 31 ? -3.144  13.676  -0.632  1.00 25.69 ? 568 LEU A CD1 1 
ATOM   230 C CD2 . LEU A 1 31 ? -4.178  14.583  -2.708  1.00 26.88 ? 568 LEU A CD2 1 
ATOM   231 N N   . THR A 1 32 ? 0.827   13.518  -4.532  1.00 22.33 ? 569 THR A N   1 
ATOM   232 C CA  . THR A 1 32 ? 2.028   14.122  -5.136  1.00 21.09 ? 569 THR A CA  1 
ATOM   233 C C   . THR A 1 32 ? 2.067   13.960  -6.652  1.00 21.83 ? 569 THR A C   1 
ATOM   234 O O   . THR A 1 32 ? 2.480   14.873  -7.363  1.00 25.85 ? 569 THR A O   1 
ATOM   235 C CB  . THR A 1 32 ? 3.351   13.616  -4.500  1.00 26.05 ? 569 THR A CB  1 
ATOM   236 O OG1 . THR A 1 32 ? 3.533   12.218  -4.784  1.00 23.42 ? 569 THR A OG1 1 
ATOM   237 C CG2 . THR A 1 32 ? 3.357   13.885  -2.978  1.00 22.47 ? 569 THR A CG2 1 
ATOM   238 N N   . VAL A 1 33 ? 1.637   12.802  -7.149  1.00 19.97 ? 570 VAL A N   1 
ATOM   239 C CA  . VAL A 1 33 ? 1.563   12.592  -8.592  1.00 19.66 ? 570 VAL A CA  1 
ATOM   240 C C   . VAL A 1 33 ? 0.593   13.613  -9.213  1.00 25.39 ? 570 VAL A C   1 
ATOM   241 O O   . VAL A 1 33 ? 0.919   14.260  -10.212 1.00 23.90 ? 570 VAL A O   1 
ATOM   242 C CB  . VAL A 1 33 ? 1.115   11.155  -8.922  1.00 22.65 ? 570 VAL A CB  1 
ATOM   243 C CG1 . VAL A 1 33 ? 0.678   11.044  -10.383 1.00 28.30 ? 570 VAL A CG1 1 
ATOM   244 C CG2 . VAL A 1 33 ? 2.237   10.177  -8.609  1.00 25.82 ? 570 VAL A CG2 1 
ATOM   245 N N   . TRP A 1 34 ? -0.575  13.784  -8.591  1.00 25.39 ? 571 TRP A N   1 
ATOM   246 C CA  . TRP A 1 34 ? -1.537  14.809  -9.017  1.00 26.27 ? 571 TRP A CA  1 
ATOM   247 C C   . TRP A 1 34 ? -0.889  16.198  -9.177  1.00 26.98 ? 571 TRP A C   1 
ATOM   248 O O   . TRP A 1 34 ? -1.006  16.822  -10.233 1.00 30.49 ? 571 TRP A O   1 
ATOM   249 C CB  . TRP A 1 34 ? -2.727  14.886  -8.048  1.00 26.26 ? 571 TRP A CB  1 
ATOM   250 C CG  . TRP A 1 34 ? -3.743  15.925  -8.465  1.00 28.45 ? 571 TRP A CG  1 
ATOM   251 C CD1 . TRP A 1 34 ? -4.808  15.736  -9.293  1.00 31.90 ? 571 TRP A CD1 1 
ATOM   252 C CD2 . TRP A 1 34 ? -3.764  17.310  -8.093  1.00 28.63 ? 571 TRP A CD2 1 
ATOM   253 N NE1 . TRP A 1 34 ? -5.500  16.911  -9.445  1.00 30.59 ? 571 TRP A NE1 1 
ATOM   254 C CE2 . TRP A 1 34 ? -4.879  17.894  -8.723  1.00 30.44 ? 571 TRP A CE2 1 
ATOM   255 C CE3 . TRP A 1 34 ? -2.960  18.108  -7.276  1.00 26.37 ? 571 TRP A CE3 1 
ATOM   256 C CZ2 . TRP A 1 34 ? -5.206  19.248  -8.569  1.00 31.52 ? 571 TRP A CZ2 1 
ATOM   257 C CZ3 . TRP A 1 34 ? -3.281  19.455  -7.121  1.00 30.10 ? 571 TRP A CZ3 1 
ATOM   258 C CH2 . TRP A 1 34 ? -4.397  20.010  -7.773  1.00 34.28 ? 571 TRP A CH2 1 
ATOM   259 N N   . GLY A 1 35 ? -0.193  16.660  -8.136  1.00 24.66 ? 572 GLY A N   1 
ATOM   260 C CA  . GLY A 1 35 ? 0.466   17.954  -8.143  1.00 24.26 ? 572 GLY A CA  1 
ATOM   261 C C   . GLY A 1 35 ? 1.526   18.079  -9.221  1.00 24.48 ? 572 GLY A C   1 
ATOM   262 O O   . GLY A 1 35 ? 1.657   19.131  -9.862  1.00 24.99 ? 572 GLY A O   1 
ATOM   263 N N   . ILE A 1 36 ? 2.305   17.022  -9.402  1.00 21.97 ? 573 ILE A N   1 
ATOM   264 C CA  . ILE A 1 36 ? 3.359   17.025  -10.420 1.00 22.14 ? 573 ILE A CA  1 
ATOM   265 C C   . ILE A 1 36 ? 2.715   17.089  -11.804 1.00 27.33 ? 573 ILE A C   1 
ATOM   266 O O   . ILE A 1 36 ? 3.198   17.817  -12.685 1.00 26.55 ? 573 ILE A O   1 
ATOM   267 C CB  . ILE A 1 36 ? 4.264   15.780  -10.330 1.00 23.93 ? 573 ILE A CB  1 
ATOM   268 C CG1 . ILE A 1 36 ? 5.199   15.876  -9.112  1.00 20.16 ? 573 ILE A CG1 1 
ATOM   269 C CG2 . ILE A 1 36 ? 5.107   15.627  -11.598 1.00 24.60 ? 573 ILE A CG2 1 
ATOM   270 C CD1 . ILE A 1 36 ? 5.875   14.543  -8.776  1.00 22.70 ? 573 ILE A CD1 1 
ATOM   271 N N   . LYS A 1 37 ? 1.641   16.315  -11.996 1.00 27.36 ? 574 LYS A N   1 
ATOM   272 C CA  . LYS A 1 37 ? 0.891   16.326  -13.255 1.00 28.69 ? 574 LYS A CA  1 
ATOM   273 C C   . LYS A 1 37 ? 0.304   17.698  -13.530 1.00 31.40 ? 574 LYS A C   1 
ATOM   274 O O   . LYS A 1 37 ? 0.301   18.134  -14.670 1.00 33.46 ? 574 LYS A O   1 
ATOM   275 C CB  . LYS A 1 37 ? -0.236  15.275  -13.247 1.00 27.70 ? 574 LYS A CB  1 
ATOM   276 C CG  . LYS A 1 37 ? 0.256   13.849  -13.401 1.00 32.44 ? 574 LYS A CG  1 
ATOM   277 C CD  . LYS A 1 37 ? 1.029   13.667  -14.699 1.00 33.77 ? 574 LYS A CD  1 
ATOM   278 C CE  . LYS A 1 37 ? 0.118   13.774  -15.919 1.00 37.75 ? 574 LYS A CE  1 
ATOM   279 N NZ  . LYS A 1 37 ? 0.899   13.621  -17.180 1.00 38.89 ? 574 LYS A NZ  1 
ATOM   280 N N   . GLN A 1 38 ? -0.184  18.384  -12.495 1.00 27.76 ? 575 GLN A N   1 
ATOM   281 C CA  . GLN A 1 38 ? -0.746  19.719  -12.679 1.00 26.75 ? 575 GLN A CA  1 
ATOM   282 C C   . GLN A 1 38 ? 0.300   20.715  -13.156 1.00 33.18 ? 575 GLN A C   1 
ATOM   283 O O   . GLN A 1 38 ? 0.009   21.584  -13.976 1.00 34.65 ? 575 GLN A O   1 
ATOM   284 C CB  . GLN A 1 38 ? -1.400  20.227  -11.395 1.00 27.20 ? 575 GLN A CB  1 
ATOM   285 C CG  . GLN A 1 38 ? -2.590  19.406  -10.966 1.00 30.52 ? 575 GLN A CG  1 
ATOM   286 C CD  . GLN A 1 38 ? -3.769  19.591  -11.885 1.00 34.49 ? 575 GLN A CD  1 
ATOM   287 O OE1 . GLN A 1 38 ? -4.299  20.691  -11.991 1.00 37.24 ? 575 GLN A OE1 1 
ATOM   288 N NE2 . GLN A 1 38 ? -4.176  18.522  -12.575 1.00 32.25 ? 575 GLN A NE2 1 
ATOM   289 N N   . LEU A 1 39 ? 1.511   20.590  -12.633 1.00 26.85 ? 576 LEU A N   1 
ATOM   290 C CA  . LEU A 1 39 ? 2.628   21.428  -13.059 1.00 29.84 ? 576 LEU A CA  1 
ATOM   291 C C   . LEU A 1 39 ? 3.189   21.001  -14.439 1.00 33.27 ? 576 LEU A C   1 
ATOM   292 O O   . LEU A 1 39 ? 3.381   21.829  -15.325 1.00 34.59 ? 576 LEU A O   1 
ATOM   293 C CB  . LEU A 1 39 ? 3.721   21.406  -11.984 1.00 27.12 ? 576 LEU A CB  1 
ATOM   294 C CG  . LEU A 1 39 ? 3.344   21.985  -10.605 1.00 26.57 ? 576 LEU A CG  1 
ATOM   295 C CD1 . LEU A 1 39 ? 4.235   21.373  -9.505  1.00 27.38 ? 576 LEU A CD1 1 
ATOM   296 C CD2 . LEU A 1 39 ? 3.495   23.493  -10.596 1.00 34.34 ? 576 LEU A CD2 1 
ATOM   297 N N   . GLN A 1 40 ? 3.432   19.709  -14.627 1.00 31.01 ? 577 GLN A N   1 
ATOM   298 C CA  . GLN A 1 40 ? 3.973   19.216  -15.888 1.00 29.78 ? 577 GLN A CA  1 
ATOM   299 C C   . GLN A 1 40 ? 3.064   19.566  -17.060 1.00 35.01 ? 577 GLN A C   1 
ATOM   300 O O   . GLN A 1 40 ? 3.529   20.044  -18.096 1.00 34.61 ? 577 GLN A O   1 
ATOM   301 C CB  . GLN A 1 40 ? 4.156   17.703  -15.831 1.00 28.89 ? 577 GLN A CB  1 
ATOM   302 C CG  . GLN A 1 40 ? 4.355   17.083  -17.208 1.00 32.55 ? 577 GLN A CG  1 
ATOM   303 C CD  . GLN A 1 40 ? 3.165   16.254  -17.674 1.00 36.47 ? 577 GLN A CD  1 
ATOM   304 O OE1 . GLN A 1 40 ? 2.465   15.647  -16.865 1.00 36.82 ? 577 GLN A OE1 1 
ATOM   305 N NE2 . GLN A 1 40 ? 2.935   16.226  -18.983 1.00 37.82 ? 577 GLN A NE2 1 
ATOM   306 N N   . THR A 1 41 ? 1.768   19.323  -16.875 1.00 33.27 ? 578 THR A N   1 
ATOM   307 C CA  . THR A 1 41 ? 0.750   19.611  -17.881 1.00 39.55 ? 578 THR A CA  1 
ATOM   308 C C   . THR A 1 41 ? 0.754   21.093  -18.254 1.00 43.59 ? 578 THR A C   1 
ATOM   309 O O   . THR A 1 41 ? 0.678   21.453  -19.437 1.00 44.38 ? 578 THR A O   1 
ATOM   310 C CB  . THR A 1 41 ? -0.652  19.184  -17.361 1.00 36.51 ? 578 THR A CB  1 
ATOM   311 O OG1 . THR A 1 41 ? -0.874  17.806  -17.700 1.00 43.44 ? 578 THR A OG1 1 
ATOM   312 C CG2 . THR A 1 41 ? -1.759  20.056  -17.934 1.00 44.65 ? 578 THR A CG2 1 
ATOM   313 N N   . ARG A 1 42 ? 0.874   21.940  -17.235 1.00 44.24 ? 579 ARG A N   1 
ATOM   314 C CA  . ARG A 1 42 ? 0.844   23.384  -17.407 1.00 45.56 ? 579 ARG A CA  1 
ATOM   315 C C   . ARG A 1 42 ? 2.164   23.950  -17.930 1.00 48.43 ? 579 ARG A C   1 
ATOM   316 O O   . ARG A 1 42 ? 2.181   24.699  -18.909 1.00 54.23 ? 579 ARG A O   1 
ATOM   317 C CB  . ARG A 1 42 ? 0.490   24.033  -16.075 1.00 45.10 ? 579 ARG A CB  1 
ATOM   318 C CG  . ARG A 1 42 ? -0.979  24.370  -15.926 1.00 50.26 ? 579 ARG A CG  1 
ATOM   319 C CD  . ARG A 1 42 ? -1.160  25.878  -15.962 1.00 53.96 ? 579 ARG A CD  1 
ATOM   320 N NE  . ARG A 1 42 ? -2.524  26.298  -15.648 1.00 57.26 ? 579 ARG A NE  1 
ATOM   321 C CZ  . ARG A 1 42 ? -3.369  26.788  -16.549 1.00 59.45 ? 579 ARG A CZ  1 
ATOM   322 N NH1 . ARG A 1 42 ? -2.972  26.922  -17.803 1.00 55.21 ? 579 ARG A NH1 1 
ATOM   323 N NH2 . ARG A 1 42 ? -4.597  27.151  -16.198 1.00 56.31 ? 579 ARG A NH2 1 
ATOM   324 N N   . VAL A 1 43 ? 3.264   23.583  -17.280 1.00 45.66 ? 580 VAL A N   1 
ATOM   325 C CA  . VAL A 1 43 ? 4.580   24.106  -17.632 1.00 42.49 ? 580 VAL A CA  1 
ATOM   326 C C   . VAL A 1 43 ? 5.186   23.420  -18.842 1.00 47.38 ? 580 VAL A C   1 
ATOM   327 O O   . VAL A 1 43 ? 5.601   24.071  -19.798 1.00 51.06 ? 580 VAL A O   1 
ATOM   328 C CB  . VAL A 1 43 ? 5.583   23.925  -16.473 1.00 45.34 ? 580 VAL A CB  1 
ATOM   329 C CG1 . VAL A 1 43 ? 6.904   24.557  -16.830 1.00 45.19 ? 580 VAL A CG1 1 
ATOM   330 C CG2 . VAL A 1 43 ? 5.040   24.533  -15.197 1.00 47.51 ? 580 VAL A CG2 1 
ATOM   331 N N   . LEU A 1 44 ? 5.243   22.093  -18.793 1.00 43.56 ? 581 LEU A N   1 
ATOM   332 C CA  . LEU A 1 44 ? 6.003   21.334  -19.774 1.00 41.77 ? 581 LEU A CA  1 
ATOM   333 C C   . LEU A 1 44 ? 5.199   20.799  -20.968 1.00 45.20 ? 581 LEU A C   1 
ATOM   334 O O   . LEU A 1 44 ? 5.727   20.711  -22.078 1.00 49.49 ? 581 LEU A O   1 
ATOM   335 C CB  . LEU A 1 44 ? 6.749   20.183  -19.082 1.00 41.57 ? 581 LEU A CB  1 
ATOM   336 C CG  . LEU A 1 44 ? 7.844   20.607  -18.097 1.00 45.51 ? 581 LEU A CG  1 
ATOM   337 C CD1 . LEU A 1 44 ? 8.506   19.400  -17.461 1.00 41.96 ? 581 LEU A CD1 1 
ATOM   338 C CD2 . LEU A 1 44 ? 8.887   21.442  -18.801 1.00 46.37 ? 581 LEU A CD2 1 
ATOM   339 N N   . GLY A 1 45 ? 3.933   20.461  -20.767 1.00 43.79 ? 582 GLY A N   1 
ATOM   340 C CA  . GLY A 1 45 ? 3.264   19.603  -21.723 1.00 47.24 ? 582 GLY A CA  1 
ATOM   341 C C   . GLY A 1 45 ? 3.934   18.260  -21.495 1.00 49.61 ? 582 GLY A C   1 
ATOM   342 O O   . GLY A 1 45 ? 3.901   17.738  -20.386 1.00 53.02 ? 582 GLY A O   1 
ATOM   343 N N   . GLY A 1 46 ? 4.517   17.672  -22.526 1.00 85.33 ? 583 GLY A N   1 
ATOM   344 C CA  . GLY A 1 46 ? 4.250   18.037  -23.895 1.00 87.64 ? 583 GLY A CA  1 
ATOM   345 C C   . GLY A 1 46 ? 3.917   16.703  -24.528 1.00 87.71 ? 583 GLY A C   1 
ATOM   346 O O   . GLY A 1 46 ? 3.215   16.631  -25.540 1.00 91.06 ? 583 GLY A O   1 
ATOM   347 N N   . GLY A 1 47 ? 4.416   15.645  -23.885 1.00 71.00 ? 584 GLY A N   1 
ATOM   348 C CA  . GLY A 1 47 ? 4.242   14.272  -24.329 1.00 68.34 ? 584 GLY A CA  1 
ATOM   349 C C   . GLY A 1 47 ? 5.567   13.552  -24.541 1.00 66.01 ? 584 GLY A C   1 
ATOM   350 O O   . GLY A 1 47 ? 6.602   14.197  -24.723 1.00 69.69 ? 584 GLY A O   1 
ATOM   351 N N   . GLY A 1 48 ? 5.540   12.218  -24.499 1.00 47.44 ? 585 GLY A N   1 
ATOM   352 C CA  . GLY A 1 48 ? 6.687   11.395  -24.870 1.00 39.84 ? 585 GLY A CA  1 
ATOM   353 C C   . GLY A 1 48 ? 7.400   10.744  -23.694 1.00 40.17 ? 585 GLY A C   1 
ATOM   354 O O   . GLY A 1 48 ? 7.077   9.620   -23.285 1.00 39.57 ? 585 GLY A O   1 
ATOM   355 N N   . ARG A 1 49 ? 8.388   11.447  -23.154 1.00 33.23 ? 586 ARG A N   1 
ATOM   356 C CA  . ARG A 1 49 ? 9.027   11.003  -21.919 1.00 33.16 ? 586 ARG A CA  1 
ATOM   357 C C   . ARG A 1 49 ? 8.032   11.046  -20.764 1.00 34.53 ? 586 ARG A C   1 
ATOM   358 O O   . ARG A 1 49 ? 8.049   10.187  -19.877 1.00 35.26 ? 586 ARG A O   1 
ATOM   359 C CB  . ARG A 1 49 ? 10.268  11.847  -21.630 1.00 32.28 ? 586 ARG A CB  1 
ATOM   360 C CG  . ARG A 1 49 ? 11.334  11.685  -22.708 1.00 34.80 ? 586 ARG A CG  1 
ATOM   361 C CD  . ARG A 1 49 ? 12.337  12.819  -22.735 1.00 33.88 ? 586 ARG A CD  1 
ATOM   362 N NE  . ARG A 1 49 ? 13.022  12.988  -21.461 1.00 31.14 ? 586 ARG A NE  1 
ATOM   363 C CZ  . ARG A 1 49 ? 12.791  14.007  -20.652 1.00 33.14 ? 586 ARG A CZ  1 
ATOM   364 N NH1 . ARG A 1 49 ? 11.888  14.915  -21.001 1.00 37.65 ? 586 ARG A NH1 1 
ATOM   365 N NH2 . ARG A 1 49 ? 13.440  14.114  -19.502 1.00 38.74 ? 586 ARG A NH2 1 
ATOM   366 N N   . TRP A 1 50 ? 7.143   12.030  -20.789 1.00 31.84 ? 587 TRP A N   1 
ATOM   367 C CA  . TRP A 1 50 ? 6.075   12.080  -19.788 1.00 35.26 ? 587 TRP A CA  1 
ATOM   368 C C   . TRP A 1 50 ? 5.007   11.012  -19.994 1.00 37.46 ? 587 TRP A C   1 
ATOM   369 O O   . TRP A 1 50 ? 4.334   10.625  -19.043 1.00 31.58 ? 587 TRP A O   1 
ATOM   370 C CB  . TRP A 1 50 ? 5.477   13.483  -19.673 1.00 33.59 ? 587 TRP A CB  1 
ATOM   371 C CG  . TRP A 1 50 ? 6.428   14.383  -18.973 1.00 32.35 ? 587 TRP A CG  1 
ATOM   372 C CD1 . TRP A 1 50 ? 7.426   15.117  -19.545 1.00 34.96 ? 587 TRP A CD1 1 
ATOM   373 C CD2 . TRP A 1 50 ? 6.538   14.593  -17.548 1.00 32.93 ? 587 TRP A CD2 1 
ATOM   374 N NE1 . TRP A 1 50 ? 8.136   15.793  -18.570 1.00 36.48 ? 587 TRP A NE1 1 
ATOM   375 C CE2 . TRP A 1 50 ? 7.608   15.492  -17.341 1.00 33.13 ? 587 TRP A CE2 1 
ATOM   376 C CE3 . TRP A 1 50 ? 5.828   14.122  -16.439 1.00 35.01 ? 587 TRP A CE3 1 
ATOM   377 C CZ2 . TRP A 1 50 ? 7.983   15.935  -16.059 1.00 33.35 ? 587 TRP A CZ2 1 
ATOM   378 C CZ3 . TRP A 1 50 ? 6.203   14.572  -15.164 1.00 30.89 ? 587 TRP A CZ3 1 
ATOM   379 C CH2 . TRP A 1 50 ? 7.272   15.459  -14.990 1.00 30.46 ? 587 TRP A CH2 1 
ATOM   380 N N   . MET A 1 51 ? 4.856   10.524  -21.225 1.00 42.80 ? 588 MET A N   1 
ATOM   381 C CA  . MET A 1 51 ? 4.000   9.358   -21.463 1.00 39.93 ? 588 MET A CA  1 
ATOM   382 C C   . MET A 1 51 ? 4.623   8.112   -20.838 1.00 38.21 ? 588 MET A C   1 
ATOM   383 O O   . MET A 1 51 ? 3.914   7.277   -20.264 1.00 39.15 ? 588 MET A O   1 
ATOM   384 C CB  . MET A 1 51 ? 3.749   9.129   -22.960 1.00 42.78 ? 588 MET A CB  1 
ATOM   385 C CG  . MET A 1 51 ? 2.701   10.051  -23.585 1.00 52.23 ? 588 MET A CG  1 
ATOM   386 S SD  . MET A 1 51 ? 1.165   10.141  -22.622 1.00 69.18 ? 588 MET A SD  1 
ATOM   387 C CE  . MET A 1 51 ? 0.645   8.418   -22.608 1.00 56.85 ? 588 MET A CE  1 
ATOM   388 N N   . GLN A 1 52 ? 5.945   7.998   -20.970 1.00 34.57 ? 589 GLN A N   1 
ATOM   389 C CA  . GLN A 1 52 ? 6.714   6.950   -20.308 1.00 38.92 ? 589 GLN A CA  1 
ATOM   390 C C   . GLN A 1 52 ? 6.485   7.050   -18.814 1.00 39.15 ? 589 GLN A C   1 
ATOM   391 O O   . GLN A 1 52 ? 6.189   6.053   -18.158 1.00 39.85 ? 589 GLN A O   1 
ATOM   392 C CB  . GLN A 1 52 ? 8.216   7.088   -20.590 1.00 38.52 ? 589 GLN A CB  1 
ATOM   393 C CG  . GLN A 1 52 ? 9.119   6.090   -19.795 1.00 47.15 ? 589 GLN A CG  1 
ATOM   394 C CD  . GLN A 1 52 ? 10.248  6.758   -18.955 1.00 49.61 ? 589 GLN A CD  1 
ATOM   395 O OE1 . GLN A 1 52 ? 11.220  7.307   -19.497 1.00 53.35 ? 589 GLN A OE1 1 
ATOM   396 N NE2 . GLN A 1 52 ? 10.120  6.683   -17.630 1.00 48.54 ? 589 GLN A NE2 1 
ATOM   397 N N   . TRP A 1 53 ? 6.619   8.265   -18.293 1.00 34.07 ? 590 TRP A N   1 
ATOM   398 C CA  . TRP A 1 53 ? 6.459   8.519   -16.868 1.00 31.90 ? 590 TRP A CA  1 
ATOM   399 C C   . TRP A 1 53 ? 5.064   8.100   -16.392 1.00 30.88 ? 590 TRP A C   1 
ATOM   400 O O   . TRP A 1 53 ? 4.934   7.346   -15.421 1.00 29.11 ? 590 TRP A O   1 
ATOM   401 C CB  . TRP A 1 53 ? 6.727   9.994   -16.566 1.00 30.05 ? 590 TRP A CB  1 
ATOM   402 C CG  . TRP A 1 53 ? 6.844   10.299  -15.093 1.00 28.14 ? 590 TRP A CG  1 
ATOM   403 C CD1 . TRP A 1 53 ? 7.923   10.071  -14.287 1.00 26.98 ? 590 TRP A CD1 1 
ATOM   404 C CD2 . TRP A 1 53 ? 5.839   10.892  -14.260 1.00 28.59 ? 590 TRP A CD2 1 
ATOM   405 N NE1 . TRP A 1 53 ? 7.642   10.472  -13.003 1.00 25.31 ? 590 TRP A NE1 1 
ATOM   406 C CE2 . TRP A 1 53 ? 6.368   10.988  -12.961 1.00 28.44 ? 590 TRP A CE2 1 
ATOM   407 C CE3 . TRP A 1 53 ? 4.539   11.348  -14.489 1.00 27.93 ? 590 TRP A CE3 1 
ATOM   408 C CZ2 . TRP A 1 53 ? 5.641   11.525  -11.884 1.00 28.26 ? 590 TRP A CZ2 1 
ATOM   409 C CZ3 . TRP A 1 53 ? 3.810   11.882  -13.419 1.00 29.94 ? 590 TRP A CZ3 1 
ATOM   410 C CH2 . TRP A 1 53 ? 4.367   11.964  -12.134 1.00 28.45 ? 590 TRP A CH2 1 
ATOM   411 N N   . ASP A 1 54 ? 4.032   8.570   -17.091 1.00 32.20 ? 591 ASP A N   1 
ATOM   412 C CA  . ASP A 1 54 ? 2.649   8.218   -16.786 1.00 32.96 ? 591 ASP A CA  1 
ATOM   413 C C   . ASP A 1 54 ? 2.434   6.709   -16.743 1.00 35.13 ? 591 ASP A C   1 
ATOM   414 O O   . ASP A 1 54 ? 1.818   6.199   -15.816 1.00 34.58 ? 591 ASP A O   1 
ATOM   415 C CB  . ASP A 1 54 ? 1.696   8.819   -17.822 1.00 37.32 ? 591 ASP A CB  1 
ATOM   416 C CG  . ASP A 1 54 ? 1.472   10.307  -17.637 1.00 41.56 ? 591 ASP A CG  1 
ATOM   417 O OD1 . ASP A 1 54 ? 2.124   10.919  -16.753 1.00 37.42 ? 591 ASP A OD1 1 
ATOM   418 O OD2 . ASP A 1 54 ? 0.639   10.870  -18.391 1.00 43.45 ? 591 ASP A OD2 1 
ATOM   419 N N   . LYS A 1 55 ? 2.924   5.984   -17.742 1.00 33.71 ? 592 LYS A N   1 
ATOM   420 C CA  . LYS A 1 55 ? 2.719   4.539   -17.726 1.00 33.23 ? 592 LYS A CA  1 
ATOM   421 C C   . LYS A 1 55 ? 3.510   3.877   -16.596 1.00 36.93 ? 592 LYS A C   1 
ATOM   422 O O   . LYS A 1 55 ? 3.031   2.933   -15.970 1.00 35.49 ? 592 LYS A O   1 
ATOM   423 C CB  . LYS A 1 55 ? 3.081   3.917   -19.070 1.00 39.60 ? 592 LYS A CB  1 
ATOM   424 C CG  . LYS A 1 55 ? 2.145   4.295   -20.191 1.00 43.25 ? 592 LYS A CG  1 
ATOM   425 C CD  . LYS A 1 55 ? 2.259   3.294   -21.335 1.00 54.52 ? 592 LYS A CD  1 
ATOM   426 C CE  . LYS A 1 55 ? 1.540   3.781   -22.590 1.00 51.22 ? 592 LYS A CE  1 
ATOM   427 N NZ  . LYS A 1 55 ? 1.752   2.836   -23.726 1.00 57.51 ? 592 LYS A NZ  1 
ATOM   428 N N   . GLU A 1 56 ? 4.715   4.383   -16.341 1.00 35.12 ? 593 GLU A N   1 
ATOM   429 C CA  . GLU A 1 56 ? 5.554   3.882   -15.258 1.00 30.00 ? 593 GLU A CA  1 
ATOM   430 C C   . GLU A 1 56 ? 4.884   4.072   -13.904 1.00 32.28 ? 593 GLU A C   1 
ATOM   431 O O   . GLU A 1 56 ? 4.863   3.154   -13.085 1.00 29.46 ? 593 GLU A O   1 
ATOM   432 C CB  . GLU A 1 56 ? 6.915   4.578   -15.262 1.00 35.95 ? 593 GLU A CB  1 
ATOM   433 C CG  . GLU A 1 56 ? 7.821   4.112   -16.354 1.00 37.93 ? 593 GLU A CG  1 
ATOM   434 C CD  . GLU A 1 56 ? 9.055   3.469   -15.810 1.00 46.94 ? 593 GLU A CD  1 
ATOM   435 O OE1 . GLU A 1 56 ? 10.155  3.985   -16.090 1.00 54.44 ? 593 GLU A OE1 1 
ATOM   436 O OE2 . GLU A 1 56 ? 8.930   2.454   -15.089 1.00 48.46 ? 593 GLU A OE2 1 
ATOM   437 N N   . ILE A 1 57 ? 4.358   5.272   -13.672 1.00 30.09 ? 594 ILE A N   1 
ATOM   438 C CA  . ILE A 1 57 ? 3.564   5.539   -12.485 1.00 28.49 ? 594 ILE A CA  1 
ATOM   439 C C   . ILE A 1 57 ? 2.404   4.536   -12.413 1.00 30.80 ? 594 ILE A C   1 
ATOM   440 O O   . ILE A 1 57 ? 2.197   3.885   -11.389 1.00 30.48 ? 594 ILE A O   1 
ATOM   441 C CB  . ILE A 1 57 ? 3.019   6.985   -12.503 1.00 27.94 ? 594 ILE A CB  1 
ATOM   442 C CG1 . ILE A 1 57 ? 4.152   7.985   -12.272 1.00 26.56 ? 594 ILE A CG1 1 
ATOM   443 C CG2 . ILE A 1 57 ? 1.969   7.193   -11.430 1.00 28.64 ? 594 ILE A CG2 1 
ATOM   444 C CD1 . ILE A 1 57 ? 4.907   7.742   -10.962 1.00 26.89 ? 594 ILE A CD1 1 
ATOM   445 N N   . SER A 1 58 ? 1.662   4.392   -13.507 1.00 37.35 ? 595 SER A N   1 
ATOM   446 C CA  . SER A 1 58 ? 0.520   3.482   -13.525 1.00 36.09 ? 595 SER A CA  1 
ATOM   447 C C   . SER A 1 58 ? 0.929   2.060   -13.170 1.00 36.81 ? 595 SER A C   1 
ATOM   448 O O   . SER A 1 58 ? 0.322   1.436   -12.298 1.00 42.16 ? 595 SER A O   1 
ATOM   449 C CB  . SER A 1 58 ? -0.162  3.500   -14.889 1.00 40.50 ? 595 SER A CB  1 
ATOM   450 O OG  . SER A 1 58 ? -0.999  4.636   -15.016 1.00 50.04 ? 595 SER A OG  1 
ATOM   451 N N   . ASN A 1 59 ? 1.960   1.559   -13.841 1.00 36.81 ? 596 ASN A N   1 
ATOM   452 C CA  . ASN A 1 59 ? 2.459   0.212   -13.585 1.00 36.79 ? 596 ASN A CA  1 
ATOM   453 C C   . ASN A 1 59 ? 2.767   -0.021  -12.117 1.00 36.52 ? 596 ASN A C   1 
ATOM   454 O O   . ASN A 1 59 ? 2.253   -0.969  -11.532 1.00 37.76 ? 596 ASN A O   1 
ATOM   455 C CB  . ASN A 1 59 ? 3.684   -0.103  -14.444 1.00 39.73 ? 596 ASN A CB  1 
ATOM   456 C CG  . ASN A 1 59 ? 3.336   -0.251  -15.920 1.00 44.47 ? 596 ASN A CG  1 
ATOM   457 O OD1 . ASN A 1 59 ? 2.158   -0.367  -16.285 1.00 47.59 ? 596 ASN A OD1 1 
ATOM   458 N ND2 . ASN A 1 59 ? 4.360   -0.255  -16.778 1.00 43.64 ? 596 ASN A ND2 1 
ATOM   459 N N   . TYR A 1 60 ? 3.580   0.856   -11.525 1.00 33.43 ? 597 TYR A N   1 
ATOM   460 C CA  . TYR A 1 60 ? 3.957   0.734   -10.120 1.00 31.19 ? 597 TYR A CA  1 
ATOM   461 C C   . TYR A 1 60 ? 2.771   0.956   -9.183  1.00 31.45 ? 597 TYR A C   1 
ATOM   462 O O   . TYR A 1 60 ? 2.663   0.297   -8.137  1.00 30.15 ? 597 TYR A O   1 
ATOM   463 C CB  . TYR A 1 60 ? 5.136   1.667   -9.783  1.00 28.05 ? 597 TYR A CB  1 
ATOM   464 C CG  . TYR A 1 60 ? 6.489   1.119   -10.214 1.00 31.09 ? 597 TYR A CG  1 
ATOM   465 C CD1 . TYR A 1 60 ? 7.161   1.639   -11.317 1.00 35.06 ? 597 TYR A CD1 1 
ATOM   466 C CD2 . TYR A 1 60 ? 7.081   0.070   -9.524  1.00 34.96 ? 597 TYR A CD2 1 
ATOM   467 C CE1 . TYR A 1 60 ? 8.399   1.129   -11.710 1.00 40.87 ? 597 TYR A CE1 1 
ATOM   468 C CE2 . TYR A 1 60 ? 8.316   -0.449  -9.908  1.00 38.19 ? 597 TYR A CE2 1 
ATOM   469 C CZ  . TYR A 1 60 ? 8.968   0.087   -10.996 1.00 42.73 ? 597 TYR A CZ  1 
ATOM   470 O OH  . TYR A 1 60 ? 10.191  -0.425  -11.377 1.00 48.05 ? 597 TYR A OH  1 
ATOM   471 N N   . THR A 1 61 ? 1.873   1.862   -9.547  1.00 28.09 ? 598 THR A N   1 
ATOM   472 C CA  . THR A 1 61 ? 0.705   2.074   -8.709  1.00 27.69 ? 598 THR A CA  1 
ATOM   473 C C   . THR A 1 61 ? -0.093  0.794   -8.686  1.00 29.50 ? 598 THR A C   1 
ATOM   474 O O   . THR A 1 61 ? -0.563  0.367   -7.638  1.00 28.23 ? 598 THR A O   1 
ATOM   475 C CB  . THR A 1 61 ? -0.167  3.215   -9.208  1.00 28.97 ? 598 THR A CB  1 
ATOM   476 O OG1 . THR A 1 61 ? 0.520   4.446   -8.976  1.00 28.87 ? 598 THR A OG1 1 
ATOM   477 C CG2 . THR A 1 61 ? -1.499  3.256   -8.451  1.00 29.95 ? 598 THR A CG2 1 
ATOM   478 N N   . ASN A 1 62 ? -0.210  0.147   -9.836  1.00 30.36 ? 599 ASN A N   1 
ATOM   479 C CA  . ASN A 1 62 ? -0.976  -1.082  -9.866  1.00 30.00 ? 599 ASN A CA  1 
ATOM   480 C C   . ASN A 1 62 ? -0.325  -2.216  -9.084  1.00 28.28 ? 599 ASN A C   1 
ATOM   481 O O   . ASN A 1 62 ? -1.017  -2.924  -8.351  1.00 31.07 ? 599 ASN A O   1 
ATOM   482 C CB  . ASN A 1 62 ? -1.411  -1.453  -11.281 1.00 36.78 ? 599 ASN A CB  1 
ATOM   483 C CG  . ASN A 1 62 ? -2.772  -0.860  -11.624 1.00 38.15 ? 599 ASN A CG  1 
ATOM   484 O OD1 . ASN A 1 62 ? -3.820  -1.427  -11.277 1.00 43.31 ? 599 ASN A OD1 1 
ATOM   485 N ND2 . ASN A 1 62 ? -2.764  0.302   -12.273 1.00 39.01 ? 599 ASN A ND2 1 
ATOM   486 N N   . THR A 1 63 ? 0.995   -2.368  -9.169  1.00 32.76 ? 600 THR A N   1 
ATOM   487 C CA  . THR A 1 63 ? 1.600   -3.399  -8.333  1.00 32.57 ? 600 THR A CA  1 
ATOM   488 C C   . THR A 1 63 ? 1.427   -3.112  -6.838  1.00 28.76 ? 600 THR A C   1 
ATOM   489 O O   . THR A 1 63 ? 1.174   -4.043  -6.082  1.00 30.80 ? 600 THR A O   1 
ATOM   490 C CB  . THR A 1 63 ? 3.055   -3.803  -8.709  1.00 35.32 ? 600 THR A CB  1 
ATOM   491 O OG1 . THR A 1 63 ? 3.944   -3.483  -7.635  1.00 39.96 ? 600 THR A OG1 1 
ATOM   492 C CG2 . THR A 1 63 ? 3.509   -3.129  -9.962  1.00 30.09 ? 600 THR A CG2 1 
ATOM   493 N N   . VAL A 1 64 ? 1.512   -1.852  -6.403  1.00 27.58 ? 601 VAL A N   1 
ATOM   494 C CA  . VAL A 1 64 ? 1.230   -1.552  -4.996  1.00 25.76 ? 601 VAL A CA  1 
ATOM   495 C C   . VAL A 1 64 ? -0.197  -1.932  -4.627  1.00 25.14 ? 601 VAL A C   1 
ATOM   496 O O   . VAL A 1 64 ? -0.444  -2.548  -3.590  1.00 22.34 ? 601 VAL A O   1 
ATOM   497 C CB  . VAL A 1 64 ? 1.426   -0.066  -4.659  1.00 25.29 ? 601 VAL A CB  1 
ATOM   498 C CG1 . VAL A 1 64 ? 0.967   0.211   -3.232  1.00 26.14 ? 601 VAL A CG1 1 
ATOM   499 C CG2 . VAL A 1 64 ? 2.885   0.323   -4.837  1.00 26.40 ? 601 VAL A CG2 1 
ATOM   500 N N   . TYR A 1 65 ? -1.137  -1.572  -5.487  1.00 27.89 ? 602 TYR A N   1 
ATOM   501 C CA  . TYR A 1 65 ? -2.530  -1.938  -5.274  1.00 28.54 ? 602 TYR A CA  1 
ATOM   502 C C   . TYR A 1 65 ? -2.680  -3.433  -5.113  1.00 27.98 ? 602 TYR A C   1 
ATOM   503 O O   . TYR A 1 65 ? -3.386  -3.887  -4.226  1.00 30.03 ? 602 TYR A O   1 
ATOM   504 C CB  . TYR A 1 65 ? -3.397  -1.490  -6.455  1.00 33.87 ? 602 TYR A CB  1 
ATOM   505 C CG  . TYR A 1 65 ? -3.725  -0.022  -6.447  1.00 37.32 ? 602 TYR A CG  1 
ATOM   506 C CD1 . TYR A 1 65 ? -4.383  0.567   -7.522  1.00 40.65 ? 602 TYR A CD1 1 
ATOM   507 C CD2 . TYR A 1 65 ? -3.383  0.779   -5.365  1.00 34.07 ? 602 TYR A CD2 1 
ATOM   508 C CE1 . TYR A 1 65 ? -4.687  1.919   -7.509  1.00 43.03 ? 602 TYR A CE1 1 
ATOM   509 C CE2 . TYR A 1 65 ? -3.681  2.125   -5.342  1.00 36.85 ? 602 TYR A CE2 1 
ATOM   510 C CZ  . TYR A 1 65 ? -4.332  2.692   -6.417  1.00 43.87 ? 602 TYR A CZ  1 
ATOM   511 O OH  . TYR A 1 65 ? -4.634  4.037   -6.395  1.00 50.14 ? 602 TYR A OH  1 
ATOM   512 N N   . ARG A 1 66 ? -2.046  -4.197  -5.996  1.00 31.80 ? 603 ARG A N   1 
ATOM   513 C CA  . ARG A 1 66 ? -2.212  -5.652  -5.973  1.00 34.87 ? 603 ARG A CA  1 
ATOM   514 C C   . ARG A 1 66 ? -1.567  -6.205  -4.704  1.00 32.43 ? 603 ARG A C   1 
ATOM   515 O O   . ARG A 1 66 ? -2.109  -7.113  -4.059  1.00 31.74 ? 603 ARG A O   1 
ATOM   516 C CB  . ARG A 1 66 ? -1.607  -6.330  -7.212  1.00 32.41 ? 603 ARG A CB  1 
ATOM   517 C CG  . ARG A 1 66 ? -2.275  -6.014  -8.576  1.00 34.85 ? 603 ARG A CG  1 
ATOM   518 C CD  . ARG A 1 66 ? -3.547  -5.176  -8.478  1.00 44.08 ? 603 ARG A CD  1 
ATOM   519 N NE  . ARG A 1 66 ? -4.759  -5.983  -8.331  1.00 49.84 ? 603 ARG A NE  1 
ATOM   520 C CZ  . ARG A 1 66 ? -5.887  -5.781  -9.017  1.00 53.35 ? 603 ARG A CZ  1 
ATOM   521 N NH1 . ARG A 1 66 ? -5.968  -4.792  -9.902  1.00 55.38 ? 603 ARG A NH1 1 
ATOM   522 N NH2 . ARG A 1 66 ? -6.940  -6.567  -8.821  1.00 51.67 ? 603 ARG A NH2 1 
ATOM   523 N N   . LEU A 1 67 ? -0.413  -5.640  -4.352  1.00 28.92 ? 604 LEU A N   1 
ATOM   524 C CA  . LEU A 1 67 ? 0.274   -6.000  -3.120  1.00 27.12 ? 604 LEU A CA  1 
ATOM   525 C C   . LEU A 1 67 ? -0.584  -5.671  -1.905  1.00 27.09 ? 604 LEU A C   1 
ATOM   526 O O   . LEU A 1 67 ? -0.713  -6.483  -0.994  1.00 30.15 ? 604 LEU A O   1 
ATOM   527 C CB  . LEU A 1 67 ? 1.646   -5.323  -3.056  1.00 27.92 ? 604 LEU A CB  1 
ATOM   528 C CG  . LEU A 1 67 ? 2.729   -5.921  -3.972  1.00 26.97 ? 604 LEU A CG  1 
ATOM   529 C CD1 . LEU A 1 67 ? 4.025   -5.112  -3.951  1.00 24.55 ? 604 LEU A CD1 1 
ATOM   530 C CD2 . LEU A 1 67 ? 3.031   -7.352  -3.583  1.00 31.68 ? 604 LEU A CD2 1 
ATOM   531 N N   . LEU A 1 68 ? -1.192  -4.495  -1.881  1.00 29.94 ? 605 LEU A N   1 
ATOM   532 C CA  . LEU A 1 68 ? -2.059  -4.161  -0.751  1.00 25.88 ? 605 LEU A CA  1 
ATOM   533 C C   . LEU A 1 68 ? -3.269  -5.098  -0.665  1.00 28.86 ? 605 LEU A C   1 
ATOM   534 O O   . LEU A 1 68 ? -3.660  -5.501  0.424   1.00 23.92 ? 605 LEU A O   1 
ATOM   535 C CB  . LEU A 1 68 ? -2.498  -2.691  -0.796  1.00 30.19 ? 605 LEU A CB  1 
ATOM   536 C CG  . LEU A 1 68 ? -1.425  -1.605  -0.619  1.00 28.78 ? 605 LEU A CG  1 
ATOM   537 C CD1 . LEU A 1 68 ? -2.001  -0.240  -0.968  1.00 33.42 ? 605 LEU A CD1 1 
ATOM   538 C CD2 . LEU A 1 68 ? -0.941  -1.586  0.804   1.00 29.07 ? 605 LEU A CD2 1 
ATOM   539 N N   . GLU A 1 69 ? -3.861  -5.453  -1.807  1.00 26.60 ? 606 GLU A N   1 
ATOM   540 C CA  . GLU A 1 69 ? -4.959  -6.420  -1.806  1.00 28.08 ? 606 GLU A CA  1 
ATOM   541 C C   . GLU A 1 69 ? -4.525  -7.767  -1.257  1.00 24.69 ? 606 GLU A C   1 
ATOM   542 O O   . GLU A 1 69 ? -5.198  -8.361  -0.419  1.00 25.88 ? 606 GLU A O   1 
ATOM   543 C CB  . GLU A 1 69 ? -5.491  -6.638  -3.221  1.00 31.06 ? 606 GLU A CB  1 
ATOM   544 C CG  . GLU A 1 69 ? -6.291  -5.503  -3.764  1.00 36.88 ? 606 GLU A CG  1 
ATOM   545 C CD  . GLU A 1 69 ? -6.754  -5.783  -5.179  1.00 43.33 ? 606 GLU A CD  1 
ATOM   546 O OE1 . GLU A 1 69 ? -7.389  -6.850  -5.400  1.00 46.77 ? 606 GLU A OE1 1 
ATOM   547 O OE2 . GLU A 1 69 ? -6.468  -4.944  -6.068  1.00 46.86 ? 606 GLU A OE2 1 
ATOM   548 N N   . GLU A 1 70 ? -3.410  -8.264  -1.766  1.00 26.16 ? 607 GLU A N   1 
ATOM   549 C CA  . GLU A 1 70 ? -2.875  -9.523  -1.291  1.00 26.95 ? 607 GLU A CA  1 
ATOM   550 C C   . GLU A 1 70 ? -2.593  -9.425  0.209   1.00 25.11 ? 607 GLU A C   1 
ATOM   551 O O   . GLU A 1 70 ? -2.922  -10.330 0.961   1.00 25.04 ? 607 GLU A O   1 
ATOM   552 C CB  . GLU A 1 70 ? -1.617  -9.872  -2.083  1.00 29.76 ? 607 GLU A CB  1 
ATOM   553 C CG  . GLU A 1 70 ? -1.059  -11.238 -1.816  1.00 35.00 ? 607 GLU A CG  1 
ATOM   554 C CD  . GLU A 1 70 ? 0.048   -11.601 -2.791  1.00 50.32 ? 607 GLU A CD  1 
ATOM   555 O OE1 . GLU A 1 70 ? 0.003   -11.116 -3.954  1.00 50.43 ? 607 GLU A OE1 1 
ATOM   556 O OE2 . GLU A 1 70 ? 0.969   -12.362 -2.387  1.00 52.73 ? 607 GLU A OE2 1 
ATOM   557 N N   . SER A 1 71 ? -2.027  -8.302  0.642   1.00 22.66 ? 608 SER A N   1 
ATOM   558 C CA  . SER A 1 71 ? -1.749  -8.080  2.066   1.00 22.39 ? 608 SER A CA  1 
ATOM   559 C C   . SER A 1 71 ? -3.018  -8.030  2.915   1.00 21.39 ? 608 SER A C   1 
ATOM   560 O O   . SER A 1 71 ? -3.038  -8.543  4.028   1.00 21.15 ? 608 SER A O   1 
ATOM   561 C CB  . SER A 1 71 ? -0.943  -6.794  2.266   1.00 24.77 ? 608 SER A CB  1 
ATOM   562 O OG  . SER A 1 71 ? 0.341   -6.905  1.676   1.00 23.08 ? 608 SER A OG  1 
ATOM   563 N N   . GLN A 1 72 ? -4.076  -7.412  2.397   1.00 21.40 ? 609 GLN A N   1 
ATOM   564 C CA  . GLN A 1 72 ? -5.357  -7.423  3.089   1.00 21.74 ? 609 GLN A CA  1 
ATOM   565 C C   . GLN A 1 72 ? -5.880  -8.840  3.253   1.00 22.02 ? 609 GLN A C   1 
ATOM   566 O O   . GLN A 1 72 ? -6.357  -9.199  4.315   1.00 24.14 ? 609 GLN A O   1 
ATOM   567 C CB  . GLN A 1 72 ? -6.408  -6.587  2.341   1.00 25.76 ? 609 GLN A CB  1 
ATOM   568 C CG  . GLN A 1 72 ? -6.327  -5.078  2.541   1.00 34.20 ? 609 GLN A CG  1 
ATOM   569 C CD  . GLN A 1 72 ? -7.372  -4.331  1.709   1.00 40.12 ? 609 GLN A CD  1 
ATOM   570 O OE1 . GLN A 1 72 ? -8.382  -4.913  1.297   1.00 45.41 ? 609 GLN A OE1 1 
ATOM   571 N NE2 . GLN A 1 72 ? -7.125  -3.041  1.453   1.00 43.09 ? 609 GLN A NE2 1 
ATOM   572 N N   . ASN A 1 73 ? -5.837  -9.630  2.187   1.00 25.42 ? 610 ASN A N   1 
ATOM   573 C CA  . ASN A 1 73 ? -6.308  -11.006 2.281   1.00 25.16 ? 610 ASN A CA  1 
ATOM   574 C C   . ASN A 1 73 ? -5.487  -11.793 3.286   1.00 24.67 ? 610 ASN A C   1 
ATOM   575 O O   . ASN A 1 73 ? -6.022  -12.576 4.060   1.00 25.80 ? 610 ASN A O   1 
ATOM   576 C CB  . ASN A 1 73 ? -6.239  -11.696 0.919   1.00 30.39 ? 610 ASN A CB  1 
ATOM   577 C CG  . ASN A 1 73 ? -7.203  -11.096 -0.091  1.00 32.12 ? 610 ASN A CG  1 
ATOM   578 O OD1 . ASN A 1 73 ? -6.846  -10.859 -1.249  1.00 37.51 ? 610 ASN A OD1 1 
ATOM   579 N ND2 . ASN A 1 73 ? -8.433  -10.851 0.343   1.00 35.07 ? 610 ASN A ND2 1 
ATOM   580 N N   . GLN A 1 74 ? -4.174  -11.580 3.266   1.00 23.90 ? 611 GLN A N   1 
ATOM   581 C CA  . GLN A 1 74 ? -3.291  -12.306 4.166   1.00 23.40 ? 611 GLN A CA  1 
ATOM   582 C C   . GLN A 1 74 ? -3.585  -11.862 5.585   1.00 19.91 ? 611 GLN A C   1 
ATOM   583 O O   . GLN A 1 74 ? -3.590  -12.666 6.519   1.00 21.01 ? 611 GLN A O   1 
ATOM   584 C CB  . GLN A 1 74 ? -1.825  -12.071 3.782   1.00 26.14 ? 611 GLN A CB  1 
ATOM   585 C CG  . GLN A 1 74 ? -0.834  -12.956 4.515   1.00 25.37 ? 611 GLN A CG  1 
ATOM   586 C CD  . GLN A 1 74 ? -1.017  -14.427 4.215   1.00 27.82 ? 611 GLN A CD  1 
ATOM   587 O OE1 . GLN A 1 74 ? -0.906  -14.861 3.063   1.00 27.32 ? 611 GLN A OE1 1 
ATOM   588 N NE2 . GLN A 1 74 ? -1.299  -15.212 5.255   1.00 26.23 ? 611 GLN A NE2 1 
ATOM   589 N N   . GLN A 1 75 ? -3.856  -10.579 5.769   1.00 22.94 ? 612 GLN A N   1 
ATOM   590 C CA  . GLN A 1 75 ? -4.155  -10.123 7.116   1.00 20.36 ? 612 GLN A CA  1 
ATOM   591 C C   . GLN A 1 75 ? -5.402  -10.799 7.678   1.00 20.72 ? 612 GLN A C   1 
ATOM   592 O O   . GLN A 1 75 ? -5.406  -11.209 8.839   1.00 19.88 ? 612 GLN A O   1 
ATOM   593 C CB  . GLN A 1 75 ? -4.304  -8.602  7.190   1.00 21.53 ? 612 GLN A CB  1 
ATOM   594 C CG  . GLN A 1 75 ? -4.527  -8.099  8.603   1.00 22.81 ? 612 GLN A CG  1 
ATOM   595 C CD  . GLN A 1 75 ? -3.261  -8.130  9.441   1.00 21.91 ? 612 GLN A CD  1 
ATOM   596 O OE1 . GLN A 1 75 ? -2.157  -8.306  8.911   1.00 20.86 ? 612 GLN A OE1 1 
ATOM   597 N NE2 . GLN A 1 75 ? -3.412  -7.961  10.751  1.00 22.04 ? 612 GLN A NE2 1 
ATOM   598 N N   . GLU A 1 76 ? -6.454  -10.931 6.876   1.00 25.72 ? 613 GLU A N   1 
ATOM   599 C CA  . GLU A 1 76 ? -7.668  -11.548 7.426   1.00 29.88 ? 613 GLU A CA  1 
ATOM   600 C C   . GLU A 1 76 ? -7.437  -13.014 7.750   1.00 25.80 ? 613 GLU A C   1 
ATOM   601 O O   . GLU A 1 76 ? -7.918  -13.513 8.758   1.00 26.30 ? 613 GLU A O   1 
ATOM   602 C CB  . GLU A 1 76 ? -8.921  -11.343 6.555   1.00 33.85 ? 613 GLU A CB  1 
ATOM   603 C CG  . GLU A 1 76 ? -8.802  -11.629 5.065   1.00 40.29 ? 613 GLU A CG  1 
ATOM   604 C CD  . GLU A 1 76 ? -10.166 -11.604 4.358   1.00 43.76 ? 613 GLU A CD  1 
ATOM   605 O OE1 . GLU A 1 76 ? -11.190 -11.885 5.030   1.00 48.88 ? 613 GLU A OE1 1 
ATOM   606 O OE2 . GLU A 1 76 ? -10.222 -11.298 3.135   1.00 48.31 ? 613 GLU A OE2 1 
ATOM   607 N N   . ARG A 1 77 ? -6.658  -13.676 6.899   1.00 25.27 ? 614 ARG A N   1 
ATOM   608 C CA  . ARG A 1 77 ? -6.297  -15.073 7.108   1.00 25.41 ? 614 ARG A CA  1 
ATOM   609 C C   . ARG A 1 77 ? -5.515  -15.213 8.410   1.00 24.19 ? 614 ARG A C   1 
ATOM   610 O O   . ARG A 1 77 ? -5.754  -16.129 9.199   1.00 25.30 ? 614 ARG A O   1 
ATOM   611 C CB  . ARG A 1 77 ? -5.477  -15.590 5.915   1.00 29.61 ? 614 ARG A CB  1 
ATOM   612 C CG  . ARG A 1 77 ? -5.331  -17.116 5.829   1.00 33.71 ? 614 ARG A CG  1 
ATOM   613 C CD  . ARG A 1 77 ? -4.568  -17.505 4.562   1.00 37.28 ? 614 ARG A CD  1 
ATOM   614 N NE  . ARG A 1 77 ? -4.239  -18.930 4.478   1.00 42.18 ? 614 ARG A NE  1 
ATOM   615 C CZ  . ARG A 1 77 ? -5.025  -19.855 3.930   1.00 41.12 ? 614 ARG A CZ  1 
ATOM   616 N NH1 . ARG A 1 77 ? -6.204  -19.513 3.430   1.00 39.71 ? 614 ARG A NH1 1 
ATOM   617 N NH2 . ARG A 1 77 ? -4.635  -21.122 3.881   1.00 40.24 ? 614 ARG A NH2 1 
ATOM   618 N N   . ASN A 1 78 ? -4.589  -14.291 8.644   1.00 19.20 ? 615 ASN A N   1 
ATOM   619 C CA  . ASN A 1 78 ? -3.754  -14.368 9.824   1.00 20.38 ? 615 ASN A CA  1 
ATOM   620 C C   . ASN A 1 78 ? -4.602  -14.130 11.066  1.00 20.88 ? 615 ASN A C   1 
ATOM   621 O O   . ASN A 1 78 ? -4.420  -14.776 12.101  1.00 22.23 ? 615 ASN A O   1 
ATOM   622 C CB  . ASN A 1 78 ? -2.619  -13.330 9.757   1.00 17.85 ? 615 ASN A CB  1 
ATOM   623 C CG  . ASN A 1 78 ? -1.518  -13.709 8.789   1.00 20.42 ? 615 ASN A CG  1 
ATOM   624 O OD1 . ASN A 1 78 ? -1.490  -14.818 8.229   1.00 18.91 ? 615 ASN A OD1 1 
ATOM   625 N ND2 . ASN A 1 78 ? -0.585  -12.779 8.589   1.00 19.81 ? 615 ASN A ND2 1 
ATOM   626 N N   . GLU A 1 79 ? -5.522  -13.187 10.962  1.00 21.16 ? 616 GLU A N   1 
ATOM   627 C CA  . GLU A 1 79 ? -6.347  -12.840 12.106  1.00 23.54 ? 616 GLU A CA  1 
ATOM   628 C C   . GLU A 1 79 ? -7.294  -13.997 12.406  1.00 23.60 ? 616 GLU A C   1 
ATOM   629 O O   . GLU A 1 79 ? -7.552  -14.304 13.563  1.00 22.66 ? 616 GLU A O   1 
ATOM   630 C CB  . GLU A 1 79 ? -7.078  -11.514 11.855  1.00 22.52 ? 616 GLU A CB  1 
ATOM   631 C CG  . GLU A 1 79 ? -6.152  -10.293 11.969  1.00 22.45 ? 616 GLU A CG  1 
ATOM   632 C CD  . GLU A 1 79 ? -6.827  -8.982  11.598  1.00 30.81 ? 616 GLU A CD  1 
ATOM   633 O OE1 . GLU A 1 79 ? -8.019  -9.002  11.212  1.00 35.34 ? 616 GLU A OE1 1 
ATOM   634 O OE2 . GLU A 1 79 ? -6.163  -7.918  11.699  1.00 27.23 ? 616 GLU A OE2 1 
ATOM   635 N N   . LYS A 1 80 ? -7.786  -14.655 11.365  1.00 25.44 ? 617 LYS A N   1 
ATOM   636 C CA  . LYS A 1 80 ? -8.632  -15.821 11.583  1.00 26.48 ? 617 LYS A CA  1 
ATOM   637 C C   . LYS A 1 80 ? -7.845  -16.904 12.298  1.00 27.27 ? 617 LYS A C   1 
ATOM   638 O O   . LYS A 1 80 ? -8.296  -17.452 13.302  1.00 29.83 ? 617 LYS A O   1 
ATOM   639 C CB  . LYS A 1 80 ? -9.205  -16.340 10.273  1.00 27.74 ? 617 LYS A CB  1 
ATOM   640 C CG  . LYS A 1 80 ? -10.251 -15.433 9.677   1.00 35.30 ? 617 LYS A CG  1 
ATOM   641 C CD  . LYS A 1 80 ? -11.395 -16.235 9.059   1.00 42.78 ? 617 LYS A CD  1 
ATOM   642 C CE  . LYS A 1 80 ? -12.444 -15.306 8.438   1.00 51.07 ? 617 LYS A CE  1 
ATOM   643 N NZ  . LYS A 1 80 ? -13.851 -15.726 8.740   1.00 56.58 ? 617 LYS A NZ  1 
ATOM   644 N N   . ASP A 1 81 ? -6.646  -17.177 11.795  1.00 26.11 ? 618 ASP A N   1 
ATOM   645 C CA  . ASP A 1 81 ? -5.777  -18.199 12.365  1.00 24.55 ? 618 ASP A CA  1 
ATOM   646 C C   . ASP A 1 81 ? -5.350  -17.916 13.792  1.00 28.21 ? 618 ASP A C   1 
ATOM   647 O O   . ASP A 1 81 ? -5.196  -18.846 14.590  1.00 29.40 ? 618 ASP A O   1 
ATOM   648 C CB  . ASP A 1 81 ? -4.548  -18.402 11.474  1.00 27.76 ? 618 ASP A CB  1 
ATOM   649 C CG  . ASP A 1 81 ? -4.878  -19.149 10.195  1.00 29.57 ? 618 ASP A CG  1 
ATOM   650 O OD1 . ASP A 1 81 ? -5.921  -19.838 10.175  1.00 31.10 ? 618 ASP A OD1 1 
ATOM   651 O OD2 . ASP A 1 81 ? -4.101  -19.065 9.213   1.00 30.62 ? 618 ASP A OD2 1 
ATOM   652 N N   . LEU A 1 82 ? -5.149  -16.634 14.110  1.00 26.93 ? 619 LEU A N   1 
ATOM   653 C CA  . LEU A 1 82 ? -4.808  -16.201 15.462  1.00 26.54 ? 619 LEU A CA  1 
ATOM   654 C C   . LEU A 1 82 ? -5.952  -16.547 16.399  1.00 28.51 ? 619 LEU A C   1 
ATOM   655 O O   . LEU A 1 82 ? -5.731  -17.012 17.513  1.00 29.84 ? 619 LEU A O   1 
ATOM   656 C CB  . LEU A 1 82 ? -4.587  -14.679 15.480  1.00 23.09 ? 619 LEU A CB  1 
ATOM   657 C CG  . LEU A 1 82 ? -3.717  -13.960 16.529  1.00 30.30 ? 619 LEU A CG  1 
ATOM   658 C CD1 . LEU A 1 82 ? -4.434  -12.715 17.046  1.00 26.74 ? 619 LEU A CD1 1 
ATOM   659 C CD2 . LEU A 1 82 ? -3.213  -14.844 17.659  1.00 27.07 ? 619 LEU A CD2 1 
ATOM   660 N N   . LEU A 1 83 ? -7.176  -16.337 15.922  1.00 28.32 ? 620 LEU A N   1 
ATOM   661 C CA  . LEU A 1 83 ? -8.371  -16.524 16.742  1.00 30.88 ? 620 LEU A CA  1 
ATOM   662 C C   . LEU A 1 83 ? -8.692  -17.994 17.004  1.00 34.05 ? 620 LEU A C   1 
ATOM   663 O O   . LEU A 1 83 ? -9.391  -18.320 17.967  1.00 39.33 ? 620 LEU A O   1 
ATOM   664 C CB  . LEU A 1 83 ? -9.569  -15.814 16.104  1.00 29.32 ? 620 LEU A CB  1 
ATOM   665 C CG  . LEU A 1 83 ? -9.459  -14.285 16.067  1.00 32.61 ? 620 LEU A CG  1 
ATOM   666 C CD1 . LEU A 1 83 ? -10.619 -13.643 15.307  1.00 33.97 ? 620 LEU A CD1 1 
ATOM   667 C CD2 . LEU A 1 83 ? -9.355  -13.706 17.479  1.00 40.40 ? 620 LEU A CD2 1 
ATOM   668 N N   . ALA A 1 84 ? -8.169  -18.882 16.169  1.00 33.74 ? 621 ALA A N   1 
ATOM   669 C CA  . ALA A 1 84 ? -8.405  -20.307 16.339  1.00 36.39 ? 621 ALA A CA  1 
ATOM   670 C C   . ALA A 1 84 ? -7.393  -20.943 17.283  1.00 42.12 ? 621 ALA A C   1 
ATOM   671 O O   . ALA A 1 84 ? -7.528  -22.114 17.634  1.00 46.02 ? 621 ALA A O   1 
ATOM   672 C CB  . ALA A 1 84 ? -8.376  -21.000 15.010  1.00 40.94 ? 621 ALA A CB  1 
ATOM   673 N N   . LEU A 1 85 ? -6.387  -20.167 17.696  1.00 38.42 ? 622 LEU A N   1 
ATOM   674 C CA  . LEU A 1 85 ? -5.339  -20.653 18.598  1.00 39.85 ? 622 LEU A CA  1 
ATOM   675 C C   . LEU A 1 85 ? -5.877  -21.107 19.950  1.00 41.49 ? 622 LEU A C   1 
ATOM   676 O O   . LEU A 1 85 ? -6.697  -20.420 20.570  1.00 44.06 ? 622 LEU A O   1 
ATOM   677 C CB  . LEU A 1 85 ? -4.287  -19.570 18.853  1.00 38.09 ? 622 LEU A CB  1 
ATOM   678 C CG  . LEU A 1 85 ? -3.241  -19.254 17.794  1.00 32.49 ? 622 LEU A CG  1 
ATOM   679 C CD1 . LEU A 1 85 ? -2.280  -18.238 18.380  1.00 31.86 ? 622 LEU A CD1 1 
ATOM   680 C CD2 . LEU A 1 85 ? -2.495  -20.506 17.374  1.00 39.88 ? 622 LEU A CD2 1 
ATOM   681 N N   . ALA A 1 86 ? -5.373  -22.250 20.412  1.00 60.60 ? 623 ALA A N   1 
ATOM   682 C CA  . ALA A 1 86 ? -5.767  -22.851 21.687  1.00 59.31 ? 623 ALA A CA  1 
ATOM   683 C C   . ALA A 1 86 ? -5.389  -22.008 22.904  1.00 63.62 ? 623 ALA A C   1 
ATOM   684 O O   . ALA A 1 86 ? -5.846  -22.278 24.019  1.00 59.27 ? 623 ALA A O   1 
ATOM   685 C CB  . ALA A 1 86 ? -5.168  -24.242 21.811  1.00 65.13 ? 623 ALA A CB  1 
HETATM 686 O O   . HOH B 2 .  ? 6.174   11.555  -3.700  0.33 25.23 ? 701 HOH A O   1 
HETATM 687 O O   . HOH B 2 .  ? 5.793   2.665   2.692   0.33 36.52 ? 702 HOH A O   1 
HETATM 688 O O   . HOH B 2 .  ? -2.081  -17.608 8.441   1.00 29.74 ? 703 HOH A O   1 
HETATM 689 O O   . HOH B 2 .  ? -4.683  3.561   6.104   1.00 25.22 ? 704 HOH A O   1 
HETATM 690 O O   . HOH B 2 .  ? -6.654  -1.617  -1.147  1.00 43.52 ? 705 HOH A O   1 
HETATM 691 O O   . HOH B 2 .  ? -8.023  16.652  -10.768 1.00 36.78 ? 706 HOH A O   1 
HETATM 692 O O   . HOH B 2 .  ? 10.410  17.251  -19.059 1.00 36.75 ? 707 HOH A O   1 
HETATM 693 O O   . HOH B 2 .  ? -3.960  -12.818 -2.103  1.00 43.41 ? 708 HOH A O   1 
HETATM 694 O O   . HOH B 2 .  ? -4.411  -1.754  12.983  1.00 34.38 ? 709 HOH A O   1 
HETATM 695 O O   . HOH B 2 .  ? -2.810  -13.134 -0.199  1.00 33.16 ? 710 HOH A O   1 
HETATM 696 O O   . HOH B 2 .  ? -5.832  -2.089  5.508   1.00 42.43 ? 711 HOH A O   1 
HETATM 697 O O   . HOH B 2 .  ? 8.060   14.766  -22.539 1.00 41.37 ? 712 HOH A O   1 
HETATM 698 O O   . HOH B 2 .  ? -4.117  -15.074 1.401   1.00 38.48 ? 713 HOH A O   1 
HETATM 699 O O   . HOH B 2 .  ? -7.711  -21.794 11.410  1.00 42.89 ? 714 HOH A O   1 
HETATM 700 O O   . HOH B 2 .  ? -7.836  5.957   -3.442  1.00 45.43 ? 715 HOH A O   1 
HETATM 701 O O   . HOH B 2 .  ? -5.850  -1.023  -10.461 1.00 45.68 ? 716 HOH A O   1 
HETATM 702 O O   . HOH B 2 .  ? 1.148   -11.576 27.486  1.00 44.57 ? 717 HOH A O   1 
HETATM 703 O O   . HOH B 2 .  ? -6.792  -5.306  11.097  1.00 38.67 ? 718 HOH A O   1 
HETATM 704 O O   . HOH B 2 .  ? -0.923  -10.581 9.958   1.00 22.24 ? 719 HOH A O   1 
HETATM 705 O O   . HOH B 2 .  ? 0.962   14.736  -20.181 1.00 44.15 ? 720 HOH A O   1 
HETATM 706 O O   . HOH B 2 .  ? -8.200  -13.801 3.012   1.00 40.65 ? 721 HOH A O   1 
HETATM 707 O O   . HOH B 2 .  ? -3.337  -8.873  -5.794  1.00 35.40 ? 722 HOH A O   1 
HETATM 708 O O   . HOH B 2 .  ? -6.043  3.621   8.870   1.00 38.87 ? 723 HOH A O   1 
HETATM 709 O O   . HOH B 2 .  ? -1.506  -18.134 5.403   1.00 43.06 ? 724 HOH A O   1 
HETATM 710 O O   . HOH B 2 .  ? -3.676  12.948  -12.614 1.00 45.77 ? 725 HOH A O   1 
HETATM 711 O O   . HOH B 2 .  ? -3.593  11.782  -10.357 1.00 47.98 ? 726 HOH A O   1 
HETATM 712 O O   . HOH B 2 .  ? -5.402  6.164   4.847   1.00 41.61 ? 727 HOH A O   1 
HETATM 713 O O   . HOH B 2 .  ? -8.022  7.523   -5.178  1.00 44.00 ? 728 HOH A O   1 
HETATM 714 O O   . HOH B 2 .  ? -7.111  -9.115  -8.522  1.00 54.28 ? 729 HOH A O   1 
HETATM 715 O O   . HOH B 2 .  ? 5.374   -7.115  9.723   0.33 25.17 ? 730 HOH A O   1 
# 
